data_8J5B
#
_entry.id   8J5B
#
_cell.length_a   61.673
_cell.length_b   62.791
_cell.length_c   92.756
_cell.angle_alpha   91.740
_cell.angle_beta   97.710
_cell.angle_gamma   119.070
#
_symmetry.space_group_name_H-M   'P 1'
#
loop_
_entity.id
_entity.type
_entity.pdbx_description
1 polymer 'Capsid protein'
2 polymer 'Capsid protein'
3 polymer 'Capsid protein'
4 water water
#
loop_
_entity_poly.entity_id
_entity_poly.type
_entity_poly.pdbx_seq_one_letter_code
_entity_poly.pdbx_strand_id
1 'polypeptide(L)'
;QKTRPFTVPNIPLKYLSNSRIPNPIEGMSLSPDQTQNVQFQNGRCTIDGQPLGTTPVSVSQLCKFRGRITSGQRVLNLTE
LDGSPFMAFAAPAPAGFPDLGSCDWHIEMSKIPNSSTQNNPIVTNSVKPNSQQFVPHLSSITLDENVSSGGDYIGTIQWT
SPPSDSGGANTNFWKIPDYGSSLAEASQLAPAVYPPGFNEVIVYFMASIPGPNQSGSPNLVPCLLPQEYITHFISEQAPI
QGEAALLHYVDPDTNRNLGEFKLYPGGYLTCVPNSSSTGPQQLPLDGVFVFASWVSRFYQLKPVGTAGPARGRL
;
A
2 'polypeptide(L)'
;TRPFTVPNIPLKYLSNSRIPNPIEGMSLSPDQTQNVQFQNGRCTIDGQPLGTTPVSVSQLCKFRGRITSGQRVLNLTELD
GSPFMAFAAPAPAGFPDLGSCDWHIEMSKIPNSSTQNNPIVTNSVKPNSQQFVPHLSSITLDENVSSGGDYIGTIQWTSP
PSDSGGANTNFWKIPDYGSSLAEASQLAPAVYPPGFNEVIVYFMASIPGPNQSGSPNLVPCLLPQEYITHFISEQAPIQG
EAALLHYVDPDTNRNLGEFKLYPGGYLTCVPNSSSTGPQQLPLDGVFVFASWVSRFYQLKPVG
;
B,C
3 'polypeptide(L)'
;TRPFTVPNIPLKYLSNSRIPNPIEGMSLSPDQTQNVQFQNGRCTIDGQPLGTTPVSVSQLCKFRGRITSGQRVLNLTELD
GSPFMAFAAPAPAGFPDLGSCDWHIEMSKIPNSSTQNNPIVTNSVKPNSQQFVPHLSSITLDENVSSGGDYIGTIQWTSP
PSDSGGANTNFWKIPDYGSSLAEASQLAPAVYPPGFNEVIVYFMASIPGPNQSGSPNLVPCLLPQEYITHFISEQAPIQG
EAALLHYVDPDTNRNLGEFKLYPGGYLTCVPNSSSTGPQQLPLDGVFVFASWVSRFYQLKPVGTAGPA
;
D
#
# COMPACT_ATOMS: atom_id res chain seq x y z
N THR A 3 25.30 -10.55 -16.64
CA THR A 3 24.02 -9.87 -17.00
C THR A 3 23.09 -9.79 -15.79
N ARG A 4 23.18 -8.69 -15.02
CA ARG A 4 22.18 -8.31 -14.01
C ARG A 4 20.90 -7.95 -14.75
N PRO A 5 19.77 -8.66 -14.54
CA PRO A 5 18.53 -8.28 -15.21
C PRO A 5 18.13 -6.89 -14.71
N PHE A 6 17.47 -6.11 -15.57
CA PHE A 6 17.10 -4.72 -15.27
C PHE A 6 16.00 -4.68 -14.20
N THR A 7 16.15 -3.81 -13.19
CA THR A 7 15.11 -3.63 -12.14
C THR A 7 14.98 -2.16 -11.75
N VAL A 8 13.83 -1.82 -11.16
CA VAL A 8 13.54 -0.48 -10.60
C VAL A 8 13.15 -0.67 -9.12
N PRO A 9 13.63 0.16 -8.18
CA PRO A 9 13.31 -0.07 -6.77
C PRO A 9 11.82 -0.37 -6.54
N ASN A 10 11.55 -1.31 -5.63
CA ASN A 10 10.21 -1.79 -5.23
C ASN A 10 9.67 -0.90 -4.11
N ILE A 11 9.55 0.40 -4.39
CA ILE A 11 9.11 1.42 -3.42
C ILE A 11 8.09 2.33 -4.10
N PRO A 12 6.97 2.62 -3.41
CA PRO A 12 6.00 3.60 -3.92
C PRO A 12 6.62 4.99 -4.15
N LEU A 13 6.20 5.59 -5.26
CA LEU A 13 6.67 6.90 -5.78
C LEU A 13 6.67 7.96 -4.65
N LYS A 14 5.62 8.00 -3.83
CA LYS A 14 5.39 9.02 -2.78
C LYS A 14 6.52 9.05 -1.73
N TYR A 15 7.35 8.00 -1.58
CA TYR A 15 8.45 7.98 -0.58
C TYR A 15 9.78 8.45 -1.20
N LEU A 16 9.74 8.83 -2.47
CA LEU A 16 10.99 9.05 -3.25
C LEU A 16 11.21 10.55 -3.43
N SER A 17 12.43 10.89 -3.80
CA SER A 17 12.94 12.28 -3.92
C SER A 17 12.93 12.75 -5.36
N ASN A 18 12.62 14.03 -5.57
CA ASN A 18 12.93 14.79 -6.80
C ASN A 18 14.42 14.64 -7.07
N SER A 19 14.86 14.75 -8.33
CA SER A 19 16.30 14.60 -8.64
C SER A 19 16.92 15.93 -9.05
N ARG A 20 16.18 17.05 -8.96
CA ARG A 20 16.76 18.41 -9.09
C ARG A 20 16.75 19.16 -7.76
N ILE A 21 15.79 18.88 -6.89
CA ILE A 21 15.77 19.39 -5.50
C ILE A 21 15.57 18.24 -4.52
N PRO A 22 16.18 18.30 -3.32
CA PRO A 22 16.11 17.24 -2.33
C PRO A 22 14.77 17.18 -1.58
N ASN A 23 13.69 16.90 -2.31
CA ASN A 23 12.31 17.11 -1.78
C ASN A 23 11.41 16.02 -2.34
N PRO A 24 10.44 15.60 -1.53
CA PRO A 24 9.60 14.46 -1.87
C PRO A 24 8.82 14.73 -3.14
N ILE A 25 8.64 13.68 -3.93
CA ILE A 25 7.80 13.72 -5.16
C ILE A 25 6.34 13.85 -4.73
N GLU A 26 5.64 14.83 -5.30
CA GLU A 26 4.24 15.20 -4.99
C GLU A 26 3.32 14.82 -6.15
N GLY A 27 3.86 14.61 -7.34
CA GLY A 27 3.01 14.44 -8.52
C GLY A 27 3.79 14.15 -9.78
N MET A 28 3.11 13.60 -10.78
CA MET A 28 3.60 13.52 -12.17
C MET A 28 2.76 14.51 -12.98
N SER A 29 3.40 15.10 -13.98
CA SER A 29 2.93 16.26 -14.78
C SER A 29 3.58 16.16 -16.17
N LEU A 30 2.90 16.73 -17.17
CA LEU A 30 3.46 16.95 -18.51
C LEU A 30 4.05 18.34 -18.48
N SER A 31 4.87 18.67 -19.47
CA SER A 31 5.42 20.04 -19.67
C SER A 31 4.34 20.97 -20.21
N PRO A 32 4.58 22.28 -20.06
CA PRO A 32 3.57 23.31 -20.42
C PRO A 32 3.08 23.24 -21.87
N ASP A 33 4.02 23.22 -22.81
CA ASP A 33 3.88 22.59 -24.14
C ASP A 33 4.34 21.15 -23.98
N GLN A 34 3.50 20.16 -24.29
CA GLN A 34 3.77 18.75 -23.92
C GLN A 34 4.75 18.15 -24.95
N THR A 35 5.18 18.92 -25.96
CA THR A 35 6.24 18.50 -26.91
C THR A 35 7.57 19.22 -26.65
N GLN A 36 7.67 20.07 -25.62
CA GLN A 36 8.85 20.94 -25.45
C GLN A 36 10.02 20.08 -24.98
N ASN A 37 11.20 20.46 -25.42
CA ASN A 37 12.44 19.78 -25.02
C ASN A 37 12.79 20.32 -23.63
N VAL A 38 13.54 19.54 -22.83
CA VAL A 38 14.16 20.02 -21.57
C VAL A 38 15.65 19.72 -21.64
N GLN A 39 16.46 20.38 -20.83
CA GLN A 39 17.91 20.12 -20.78
C GLN A 39 18.38 20.33 -19.34
N PHE A 40 17.68 19.71 -18.40
CA PHE A 40 18.10 19.58 -16.97
C PHE A 40 19.52 18.98 -16.93
N GLN A 41 20.38 19.49 -16.05
CA GLN A 41 21.74 18.97 -15.83
C GLN A 41 21.78 18.02 -14.61
N ASN A 42 20.85 18.15 -13.66
CA ASN A 42 20.62 17.21 -12.52
C ASN A 42 19.47 16.23 -12.85
N GLY A 43 19.54 15.03 -12.29
CA GLY A 43 18.52 13.98 -12.51
C GLY A 43 18.66 13.42 -13.89
N ARG A 44 19.90 13.35 -14.41
CA ARG A 44 20.22 12.81 -15.74
C ARG A 44 21.17 11.61 -15.55
N CYS A 45 20.72 10.42 -15.94
CA CYS A 45 21.46 9.16 -15.68
C CYS A 45 20.94 8.11 -16.66
N THR A 46 21.85 7.43 -17.38
CA THR A 46 21.47 6.33 -18.26
C THR A 46 20.96 5.18 -17.37
N ILE A 47 20.11 4.32 -17.90
CA ILE A 47 19.47 3.27 -17.06
C ILE A 47 20.49 2.14 -16.78
N ASP A 48 21.68 2.14 -17.40
CA ASP A 48 22.81 1.25 -17.02
C ASP A 48 23.78 2.01 -16.09
N GLY A 49 23.37 3.16 -15.57
CA GLY A 49 23.97 3.79 -14.38
C GLY A 49 25.09 4.78 -14.66
N GLN A 50 25.03 5.52 -15.77
CA GLN A 50 26.00 6.63 -16.05
C GLN A 50 25.37 7.99 -15.72
N PRO A 51 25.85 8.68 -14.67
CA PRO A 51 25.34 10.01 -14.37
C PRO A 51 25.82 10.93 -15.51
N LEU A 52 24.95 11.88 -15.89
CA LEU A 52 25.19 12.91 -16.93
C LEU A 52 25.04 14.30 -16.27
N GLY A 53 25.64 15.31 -16.88
CA GLY A 53 25.55 16.71 -16.42
C GLY A 53 26.24 16.88 -15.08
N THR A 54 25.54 17.45 -14.10
CA THR A 54 26.06 17.64 -12.72
C THR A 54 25.52 16.55 -11.79
N THR A 55 24.64 15.68 -12.29
CA THR A 55 23.81 14.76 -11.49
C THR A 55 24.66 14.11 -10.40
N PRO A 56 24.36 14.31 -9.11
CA PRO A 56 25.02 13.56 -8.04
C PRO A 56 24.45 12.16 -7.85
N VAL A 57 25.13 11.34 -7.04
CA VAL A 57 24.65 9.99 -6.63
C VAL A 57 23.54 10.17 -5.57
N SER A 58 23.79 11.01 -4.56
CA SER A 58 22.90 11.12 -3.37
C SER A 58 22.06 12.42 -3.38
N VAL A 59 20.87 12.31 -2.82
CA VAL A 59 19.99 13.45 -2.45
C VAL A 59 20.83 14.39 -1.55
N SER A 60 21.73 13.86 -0.75
CA SER A 60 22.57 14.64 0.19
C SER A 60 23.42 15.64 -0.59
N GLN A 61 23.76 15.37 -1.85
CA GLN A 61 24.66 16.28 -2.61
C GLN A 61 23.88 17.16 -3.58
N LEU A 62 22.54 17.16 -3.51
CA LEU A 62 21.69 17.61 -4.62
C LEU A 62 21.30 19.06 -4.37
N CYS A 63 21.51 19.92 -5.36
CA CYS A 63 21.07 21.34 -5.31
C CYS A 63 21.85 22.04 -4.19
N LYS A 64 23.16 21.93 -4.27
CA LYS A 64 24.06 22.36 -3.19
C LYS A 64 25.29 22.89 -3.84
N PHE A 65 26.02 23.73 -3.11
CA PHE A 65 27.29 24.32 -3.60
C PHE A 65 28.23 24.49 -2.43
N ARG A 66 29.50 24.64 -2.78
CA ARG A 66 30.58 24.91 -1.81
C ARG A 66 31.62 25.78 -2.49
N GLY A 67 32.16 26.78 -1.79
CA GLY A 67 33.29 27.56 -2.32
C GLY A 67 33.97 28.39 -1.25
N ARG A 68 35.06 29.04 -1.64
CA ARG A 68 35.83 30.01 -0.82
C ARG A 68 35.40 31.43 -1.20
N ILE A 69 35.16 32.26 -0.18
CA ILE A 69 34.91 33.72 -0.29
C ILE A 69 35.95 34.46 0.58
N THR A 70 36.58 35.50 0.03
CA THR A 70 37.43 36.50 0.78
C THR A 70 36.51 37.46 1.57
N SER A 71 36.90 37.82 2.81
CA SER A 71 36.18 38.83 3.63
C SER A 71 36.02 40.10 2.80
N GLY A 72 34.82 40.68 2.79
CA GLY A 72 34.49 41.94 2.10
C GLY A 72 34.35 41.82 0.58
N GLN A 73 34.25 40.61 0.02
CA GLN A 73 34.00 40.43 -1.45
C GLN A 73 32.64 39.74 -1.66
N ARG A 74 32.27 39.49 -2.93
CA ARG A 74 30.96 38.95 -3.37
C ARG A 74 31.12 37.70 -4.27
N VAL A 75 32.36 37.30 -4.60
CA VAL A 75 32.71 36.22 -5.57
C VAL A 75 32.91 34.90 -4.82
N LEU A 76 32.04 33.90 -5.07
CA LEU A 76 32.19 32.54 -4.49
C LEU A 76 32.96 31.64 -5.46
N ASN A 77 34.20 31.27 -5.12
CA ASN A 77 35.13 30.48 -5.97
C ASN A 77 34.86 29.00 -5.71
N LEU A 78 34.24 28.30 -6.67
CA LEU A 78 33.55 27.02 -6.42
C LEU A 78 34.57 25.86 -6.31
N THR A 79 34.28 24.92 -5.40
CA THR A 79 34.95 23.60 -5.35
C THR A 79 33.87 22.52 -5.52
N GLU A 80 34.28 21.26 -5.48
CA GLU A 80 33.35 20.14 -5.24
C GLU A 80 32.86 20.27 -3.79
N LEU A 81 31.79 19.53 -3.46
CA LEU A 81 31.08 19.58 -2.14
C LEU A 81 31.96 19.03 -1.02
N ASP A 82 33.01 18.28 -1.35
CA ASP A 82 33.98 17.73 -0.36
C ASP A 82 35.17 18.70 -0.24
N GLY A 83 35.19 19.76 -1.03
CA GLY A 83 36.22 20.81 -0.95
C GLY A 83 37.32 20.62 -1.96
N SER A 84 37.31 19.51 -2.73
CA SER A 84 38.33 19.20 -3.76
C SER A 84 38.09 20.12 -4.96
N PRO A 85 39.12 20.45 -5.77
CA PRO A 85 38.93 21.40 -6.86
C PRO A 85 37.95 20.89 -7.92
N PHE A 86 37.14 21.81 -8.44
CA PHE A 86 36.23 21.60 -9.60
C PHE A 86 37.11 21.44 -10.84
N MET A 87 37.09 20.27 -11.49
CA MET A 87 37.75 20.06 -12.80
C MET A 87 36.78 20.57 -13.87
N ALA A 88 36.98 21.82 -14.31
CA ALA A 88 36.02 22.64 -15.06
C ALA A 88 35.62 21.94 -16.35
N PHE A 89 36.38 20.92 -16.79
CA PHE A 89 36.28 20.40 -18.17
C PHE A 89 35.49 19.08 -18.26
N ALA A 90 35.34 18.32 -17.18
CA ALA A 90 34.54 17.06 -17.20
C ALA A 90 33.03 17.37 -17.09
N ALA A 91 32.67 18.55 -16.55
CA ALA A 91 31.29 18.90 -16.15
C ALA A 91 31.02 20.40 -16.33
N PRO A 92 29.76 20.80 -16.54
CA PRO A 92 29.38 22.21 -16.59
C PRO A 92 29.56 22.98 -15.27
N ALA A 93 29.54 22.26 -14.15
CA ALA A 93 29.58 22.82 -12.78
C ALA A 93 29.84 21.66 -11.82
N PRO A 94 30.29 21.92 -10.58
CA PRO A 94 30.51 20.86 -9.60
C PRO A 94 29.26 19.96 -9.48
N ALA A 95 29.44 18.67 -9.18
CA ALA A 95 28.36 17.68 -8.95
C ALA A 95 27.40 18.25 -7.88
N GLY A 96 26.08 18.14 -8.13
CA GLY A 96 25.00 18.64 -7.26
C GLY A 96 24.72 20.14 -7.39
N PHE A 97 25.56 20.88 -8.13
CA PHE A 97 25.31 22.32 -8.36
C PHE A 97 23.91 22.48 -8.91
N PRO A 98 23.11 23.44 -8.38
CA PRO A 98 21.72 23.58 -8.78
C PRO A 98 21.62 23.88 -10.28
N ASP A 99 20.60 23.35 -10.94
CA ASP A 99 20.33 23.66 -12.36
C ASP A 99 18.97 24.38 -12.51
N LEU A 100 18.47 25.08 -11.48
CA LEU A 100 17.18 25.81 -11.55
C LEU A 100 17.40 27.11 -12.34
N GLY A 101 16.86 27.16 -13.56
CA GLY A 101 16.97 28.36 -14.42
C GLY A 101 15.77 29.28 -14.23
N SER A 102 15.79 30.47 -14.83
CA SER A 102 14.62 31.35 -14.90
C SER A 102 14.09 31.61 -13.49
N CYS A 103 14.99 31.98 -12.58
CA CYS A 103 14.62 32.45 -11.23
C CYS A 103 15.84 33.09 -10.54
N ASP A 104 15.56 33.85 -9.48
CA ASP A 104 16.59 34.30 -8.51
C ASP A 104 16.69 33.19 -7.47
N TRP A 105 17.90 32.94 -6.97
CA TRP A 105 18.19 31.99 -5.86
C TRP A 105 18.40 32.81 -4.57
N HIS A 106 17.62 32.54 -3.55
CA HIS A 106 17.86 33.09 -2.19
C HIS A 106 18.46 31.94 -1.40
N ILE A 107 19.75 32.06 -1.10
CA ILE A 107 20.55 30.93 -0.58
C ILE A 107 20.77 31.09 0.92
N GLU A 108 21.17 29.98 1.53
CA GLU A 108 21.69 29.93 2.91
C GLU A 108 22.95 29.06 2.86
N MET A 109 23.93 29.44 3.66
CA MET A 109 25.26 28.81 3.65
C MET A 109 25.94 29.10 4.98
N SER A 110 26.96 28.32 5.29
CA SER A 110 27.67 28.37 6.58
C SER A 110 29.09 27.85 6.35
N LYS A 111 30.03 28.34 7.17
CA LYS A 111 31.45 27.94 7.11
C LYS A 111 31.57 26.49 7.59
N ILE A 112 32.44 25.73 6.92
CA ILE A 112 32.72 24.31 7.22
C ILE A 112 34.25 24.16 7.27
N PRO A 113 34.81 23.63 8.39
CA PRO A 113 34.03 23.07 9.49
C PRO A 113 33.62 24.19 10.45
N ASN A 114 32.72 23.90 11.39
CA ASN A 114 32.42 24.84 12.49
C ASN A 114 33.71 25.08 13.29
N SER A 115 34.02 26.33 13.65
CA SER A 115 35.04 26.67 14.68
C SER A 115 34.42 27.55 15.78
N SER A 116 33.10 27.76 15.75
CA SER A 116 32.42 28.79 16.56
C SER A 116 31.92 28.17 17.87
N THR A 117 31.77 29.00 18.91
CA THR A 117 31.31 28.60 20.27
C THR A 117 29.99 29.30 20.61
N GLN A 118 29.55 30.27 19.80
CA GLN A 118 28.28 31.04 19.97
C GLN A 118 27.88 31.61 18.61
N ASN A 119 26.77 32.35 18.56
CA ASN A 119 26.32 33.09 17.35
C ASN A 119 25.68 32.09 16.38
N ASN A 120 24.89 32.63 15.46
CA ASN A 120 24.25 31.92 14.35
C ASN A 120 25.27 31.83 13.24
N PRO A 121 25.57 30.62 12.71
CA PRO A 121 26.50 30.48 11.61
C PRO A 121 25.90 30.68 10.21
N ILE A 122 24.58 30.82 10.09
CA ILE A 122 23.93 30.86 8.75
C ILE A 122 24.10 32.26 8.19
N VAL A 123 24.68 32.35 6.99
CA VAL A 123 24.69 33.57 6.15
C VAL A 123 23.66 33.34 5.04
N THR A 124 22.74 34.31 4.85
CA THR A 124 21.80 34.36 3.70
C THR A 124 22.34 35.36 2.66
N ASN A 125 21.89 35.20 1.42
CA ASN A 125 22.41 35.95 0.26
C ASN A 125 21.57 35.53 -0.96
N SER A 126 21.88 36.12 -2.10
CA SER A 126 21.09 36.09 -3.36
C SER A 126 22.02 35.88 -4.53
N VAL A 127 21.54 35.18 -5.55
CA VAL A 127 22.28 35.02 -6.84
C VAL A 127 21.27 35.17 -7.97
N LYS A 128 21.62 36.01 -8.94
CA LYS A 128 20.87 36.15 -10.21
C LYS A 128 21.59 35.27 -11.21
N PRO A 129 21.10 34.05 -11.49
CA PRO A 129 21.78 33.15 -12.44
C PRO A 129 21.78 33.72 -13.86
N ASN A 130 20.84 34.64 -14.16
CA ASN A 130 20.80 35.36 -15.47
C ASN A 130 21.76 36.55 -15.47
N SER A 131 22.43 36.87 -14.35
CA SER A 131 23.36 38.02 -14.25
C SER A 131 24.66 37.68 -14.99
N GLN A 132 25.51 38.69 -15.17
CA GLN A 132 26.75 38.63 -16.00
C GLN A 132 27.74 37.64 -15.35
N GLN A 133 27.91 37.72 -14.03
CA GLN A 133 29.00 37.02 -13.31
C GLN A 133 28.49 35.70 -12.70
N PHE A 134 27.39 35.14 -13.21
CA PHE A 134 26.98 33.74 -12.93
C PHE A 134 27.69 32.81 -13.91
N VAL A 135 28.95 32.47 -13.61
CA VAL A 135 29.84 31.64 -14.48
C VAL A 135 30.38 30.42 -13.69
N PRO A 136 29.51 29.44 -13.35
CA PRO A 136 29.94 28.20 -12.67
C PRO A 136 30.92 27.33 -13.47
N HIS A 137 30.75 27.26 -14.80
CA HIS A 137 31.68 26.56 -15.74
C HIS A 137 33.10 27.12 -15.54
N LEU A 138 33.22 28.40 -15.20
CA LEU A 138 34.51 29.12 -15.01
C LEU A 138 34.81 29.23 -13.50
N SER A 139 33.99 28.55 -12.67
CA SER A 139 34.35 28.11 -11.30
C SER A 139 34.03 29.22 -10.27
N SER A 140 33.04 30.07 -10.56
CA SER A 140 32.67 31.17 -9.65
C SER A 140 31.26 31.69 -9.98
N ILE A 141 30.51 32.07 -8.94
CA ILE A 141 29.30 32.94 -9.01
C ILE A 141 29.51 34.12 -8.07
N THR A 142 28.85 35.23 -8.41
CA THR A 142 28.85 36.49 -7.63
C THR A 142 27.47 36.63 -6.99
N LEU A 143 27.48 36.80 -5.68
CA LEU A 143 26.28 37.00 -4.83
C LEU A 143 25.88 38.46 -4.91
N ASP A 144 24.63 38.77 -4.59
CA ASP A 144 24.12 40.16 -4.60
C ASP A 144 24.75 40.92 -3.42
N GLU A 145 24.80 40.34 -2.20
CA GLU A 145 25.24 41.03 -0.95
C GLU A 145 26.70 40.69 -0.60
N ASN A 146 27.46 41.68 -0.08
CA ASN A 146 28.84 41.52 0.47
C ASN A 146 28.84 40.39 1.50
N VAL A 147 29.93 39.63 1.61
CA VAL A 147 30.09 38.60 2.68
C VAL A 147 31.10 39.13 3.71
N SER A 148 30.62 39.44 4.93
CA SER A 148 31.42 39.98 6.06
C SER A 148 32.72 39.18 6.20
N SER A 149 32.55 37.88 6.46
CA SER A 149 33.51 36.91 7.05
C SER A 149 33.94 35.87 6.01
N GLY A 150 35.16 35.97 5.50
CA GLY A 150 35.71 35.06 4.48
C GLY A 150 35.89 33.65 5.03
N GLY A 151 35.97 32.66 4.15
CA GLY A 151 36.21 31.24 4.52
C GLY A 151 35.57 30.27 3.54
N ASP A 152 35.48 28.99 3.95
CA ASP A 152 35.01 27.86 3.11
C ASP A 152 33.52 27.70 3.42
N TYR A 153 32.64 27.90 2.44
CA TYR A 153 31.18 27.92 2.67
C TYR A 153 30.51 26.79 1.87
N ILE A 154 29.50 26.20 2.48
CA ILE A 154 28.66 25.14 1.85
C ILE A 154 27.24 25.64 2.02
N GLY A 155 26.41 25.52 0.99
CA GLY A 155 25.03 26.00 1.13
C GLY A 155 24.11 25.39 0.09
N THR A 156 22.88 25.90 0.12
CA THR A 156 21.77 25.43 -0.75
C THR A 156 20.91 26.63 -1.18
N ILE A 157 19.90 26.35 -2.00
CA ILE A 157 18.81 27.29 -2.33
C ILE A 157 17.73 27.14 -1.25
N GLN A 158 17.55 28.16 -0.44
CA GLN A 158 16.53 28.22 0.62
C GLN A 158 15.16 28.47 -0.02
N TRP A 159 15.09 29.40 -0.99
CA TRP A 159 13.85 29.79 -1.70
C TRP A 159 14.16 30.47 -3.04
N THR A 160 13.20 30.41 -3.96
CA THR A 160 13.29 30.96 -5.34
C THR A 160 12.34 32.14 -5.45
N SER A 161 12.55 32.98 -6.44
CA SER A 161 11.59 34.03 -6.87
C SER A 161 11.79 34.27 -8.37
N PRO A 162 10.81 34.90 -9.04
CA PRO A 162 10.93 35.20 -10.47
C PRO A 162 12.26 35.86 -10.73
N PRO A 163 12.83 35.63 -11.92
CA PRO A 163 14.14 36.22 -12.22
C PRO A 163 14.10 37.76 -12.22
N SER A 164 15.14 38.38 -11.65
CA SER A 164 15.42 39.82 -11.76
C SER A 164 15.88 40.13 -13.18
N ASP A 165 15.78 41.41 -13.57
CA ASP A 165 16.33 41.95 -14.84
C ASP A 165 15.85 41.11 -16.02
N SER A 166 14.56 40.74 -16.08
CA SER A 166 14.04 39.75 -17.06
C SER A 166 12.76 40.25 -17.76
N GLY A 167 12.47 41.55 -17.72
CA GLY A 167 11.23 42.12 -18.26
C GLY A 167 10.02 41.53 -17.54
N GLY A 168 10.19 41.18 -16.26
CA GLY A 168 9.13 40.63 -15.39
C GLY A 168 8.71 39.22 -15.78
N ALA A 169 9.61 38.40 -16.32
CA ALA A 169 9.33 36.97 -16.58
C ALA A 169 8.99 36.27 -15.26
N ASN A 170 8.12 35.25 -15.32
CA ASN A 170 7.79 34.38 -14.17
C ASN A 170 8.99 33.47 -13.89
N THR A 171 8.97 32.80 -12.74
CA THR A 171 9.77 31.58 -12.47
C THR A 171 9.49 30.54 -13.56
N ASN A 172 10.51 30.00 -14.23
CA ASN A 172 10.33 28.92 -15.24
C ASN A 172 11.28 27.74 -14.92
N PHE A 173 10.81 26.78 -14.12
CA PHE A 173 11.61 25.62 -13.66
C PHE A 173 11.84 24.62 -14.82
N TRP A 174 11.27 24.88 -15.99
CA TRP A 174 11.47 24.01 -17.18
C TRP A 174 12.79 24.35 -17.84
N LYS A 175 13.48 25.37 -17.32
CA LYS A 175 14.70 25.93 -17.96
C LYS A 175 15.87 25.81 -16.99
N ILE A 176 17.07 25.85 -17.56
CA ILE A 176 18.35 25.80 -16.82
C ILE A 176 19.00 27.17 -16.89
N PRO A 177 19.98 27.51 -16.03
CA PRO A 177 20.81 28.69 -16.27
C PRO A 177 21.82 28.45 -17.40
N ASP A 178 22.38 29.55 -17.90
CA ASP A 178 23.62 29.57 -18.71
C ASP A 178 24.77 29.39 -17.72
N TYR A 179 25.64 28.42 -17.96
CA TYR A 179 26.75 28.07 -17.05
C TYR A 179 28.03 28.85 -17.43
N GLY A 180 28.13 29.32 -18.68
CA GLY A 180 29.31 30.04 -19.17
C GLY A 180 30.50 29.11 -19.35
N GLN A 188 29.86 21.37 -22.05
CA GLN A 188 29.86 19.94 -21.59
C GLN A 188 28.48 19.57 -20.99
N LEU A 189 27.40 20.18 -21.49
CA LEU A 189 26.02 19.99 -20.95
C LEU A 189 25.52 18.59 -21.28
N ALA A 190 24.81 17.93 -20.36
CA ALA A 190 23.97 16.77 -20.76
C ALA A 190 23.09 17.26 -21.89
N PRO A 191 22.81 16.46 -22.94
CA PRO A 191 22.04 16.94 -24.09
C PRO A 191 20.55 17.12 -23.80
N ALA A 192 19.90 17.92 -24.63
CA ALA A 192 18.46 18.24 -24.58
C ALA A 192 17.67 16.95 -24.82
N VAL A 193 16.51 16.81 -24.21
CA VAL A 193 15.66 15.59 -24.35
C VAL A 193 14.37 15.99 -25.07
N TYR A 194 14.04 15.30 -26.14
CA TYR A 194 12.86 15.56 -26.98
C TYR A 194 11.89 14.39 -26.81
N PRO A 195 10.57 14.64 -26.89
CA PRO A 195 9.61 13.57 -27.09
C PRO A 195 10.07 12.75 -28.29
N PRO A 196 10.12 11.41 -28.17
CA PRO A 196 10.71 10.58 -29.21
C PRO A 196 9.78 10.20 -30.37
N GLY A 197 8.48 10.47 -30.27
CA GLY A 197 7.54 10.22 -31.38
C GLY A 197 6.46 9.23 -30.97
N PHE A 198 5.64 8.80 -31.92
CA PHE A 198 4.51 7.85 -31.70
C PHE A 198 3.54 8.42 -30.66
N ASN A 199 3.39 9.76 -30.62
CA ASN A 199 2.43 10.48 -29.74
C ASN A 199 2.80 10.30 -28.25
N GLU A 200 4.03 9.92 -27.96
CA GLU A 200 4.55 9.82 -26.58
C GLU A 200 4.92 11.20 -26.07
N VAL A 201 4.60 11.46 -24.80
CA VAL A 201 5.06 12.65 -24.03
C VAL A 201 6.00 12.19 -22.92
N ILE A 202 6.95 13.07 -22.59
CA ILE A 202 7.86 12.91 -21.44
C ILE A 202 7.07 13.12 -20.14
N VAL A 203 7.27 12.21 -19.18
CA VAL A 203 6.63 12.26 -17.83
C VAL A 203 7.62 12.86 -16.83
N TYR A 204 7.15 13.82 -16.03
CA TYR A 204 7.99 14.60 -15.09
C TYR A 204 7.49 14.38 -13.67
N PHE A 205 8.43 14.43 -12.73
CA PHE A 205 8.17 14.14 -11.30
C PHE A 205 8.46 15.45 -10.62
N MET A 206 7.44 15.91 -9.90
CA MET A 206 7.24 17.29 -9.42
C MET A 206 7.47 17.29 -7.93
N ALA A 207 8.25 18.25 -7.47
CA ALA A 207 8.45 18.52 -6.03
C ALA A 207 8.43 20.03 -5.75
N SER A 208 8.06 20.38 -4.52
CA SER A 208 7.88 21.79 -4.09
C SER A 208 9.21 22.34 -3.52
N ILE A 209 9.62 23.53 -3.94
CA ILE A 209 10.66 24.31 -3.22
C ILE A 209 10.00 25.61 -2.77
N PRO A 210 10.34 26.19 -1.59
CA PRO A 210 9.70 27.44 -1.20
C PRO A 210 10.05 28.60 -2.15
N GLY A 211 9.14 29.57 -2.23
CA GLY A 211 9.32 30.75 -3.08
C GLY A 211 8.01 31.20 -3.69
N PRO A 212 7.83 32.52 -3.89
CA PRO A 212 6.68 33.05 -4.61
C PRO A 212 6.82 32.92 -6.13
N ASN A 213 5.69 32.92 -6.81
CA ASN A 213 5.62 33.04 -8.29
C ASN A 213 4.51 34.04 -8.62
N GLN A 214 4.40 34.47 -9.87
CA GLN A 214 3.37 35.47 -10.27
C GLN A 214 1.95 34.89 -10.15
N SER A 215 1.78 33.56 -10.24
CA SER A 215 0.47 32.86 -10.18
C SER A 215 -0.01 32.72 -8.74
N GLY A 216 0.87 32.97 -7.77
CA GLY A 216 0.59 32.72 -6.34
C GLY A 216 0.13 31.29 -6.11
N SER A 217 0.76 30.33 -6.81
CA SER A 217 0.36 28.90 -6.88
C SER A 217 1.54 28.00 -6.50
N PRO A 218 1.37 26.66 -6.44
CA PRO A 218 2.47 25.78 -6.07
C PRO A 218 3.74 26.02 -6.88
N ASN A 219 4.86 26.07 -6.18
CA ASN A 219 6.22 26.32 -6.68
C ASN A 219 6.91 24.95 -6.85
N LEU A 220 6.67 24.32 -8.02
CA LEU A 220 6.97 22.90 -8.32
C LEU A 220 8.12 22.81 -9.32
N VAL A 221 9.16 22.06 -8.98
CA VAL A 221 10.30 21.74 -9.88
C VAL A 221 10.02 20.38 -10.52
N PRO A 222 10.14 20.28 -11.88
CA PRO A 222 10.07 19.00 -12.60
C PRO A 222 11.42 18.31 -12.65
N CYS A 223 11.44 16.98 -12.74
CA CYS A 223 12.66 16.18 -12.97
C CYS A 223 12.26 14.94 -13.77
N LEU A 224 13.24 14.29 -14.39
CA LEU A 224 12.98 13.14 -15.30
C LEU A 224 12.82 11.82 -14.53
N LEU A 225 13.55 11.63 -13.42
CA LEU A 225 13.54 10.35 -12.65
C LEU A 225 13.64 10.63 -11.15
N PRO A 226 12.98 9.81 -10.30
CA PRO A 226 13.23 9.81 -8.86
C PRO A 226 14.72 9.61 -8.60
N GLN A 227 15.30 10.31 -7.63
CA GLN A 227 16.76 10.18 -7.39
C GLN A 227 17.09 8.74 -6.99
N GLU A 228 16.25 8.12 -6.14
CA GLU A 228 16.47 6.71 -5.72
C GLU A 228 16.57 5.80 -6.95
N TYR A 229 15.91 6.14 -8.07
CA TYR A 229 16.00 5.32 -9.32
C TYR A 229 17.43 5.44 -9.87
N ILE A 230 17.92 6.68 -9.90
CA ILE A 230 19.27 7.04 -10.42
C ILE A 230 20.33 6.32 -9.57
N THR A 231 20.17 6.31 -8.24
CA THR A 231 21.16 5.74 -7.30
C THR A 231 21.19 4.22 -7.52
N HIS A 232 20.05 3.60 -7.74
CA HIS A 232 19.90 2.15 -8.03
C HIS A 232 20.64 1.83 -9.34
N PHE A 233 20.34 2.56 -10.41
CA PHE A 233 21.02 2.36 -11.72
C PHE A 233 22.53 2.49 -11.54
N ILE A 234 23.00 3.53 -10.83
CA ILE A 234 24.46 3.67 -10.59
C ILE A 234 25.00 2.43 -9.88
N SER A 235 24.31 1.89 -8.85
CA SER A 235 24.78 0.68 -8.14
C SER A 235 24.67 -0.55 -9.02
N GLU A 236 23.54 -0.78 -9.71
CA GLU A 236 23.20 -2.05 -10.41
C GLU A 236 23.99 -2.20 -11.73
N GLN A 237 24.04 -1.12 -12.52
CA GLN A 237 24.74 -1.08 -13.82
C GLN A 237 24.20 -2.21 -14.67
N ALA A 238 22.88 -2.44 -14.68
CA ALA A 238 22.21 -3.48 -15.51
C ALA A 238 22.41 -3.18 -16.99
N PRO A 239 22.91 -4.13 -17.82
CA PRO A 239 23.12 -3.86 -19.22
C PRO A 239 21.77 -3.66 -19.93
N ILE A 240 21.73 -2.65 -20.79
CA ILE A 240 20.57 -2.29 -21.65
C ILE A 240 20.45 -3.36 -22.74
N GLN A 241 19.27 -3.98 -22.92
CA GLN A 241 19.08 -5.13 -23.84
C GLN A 241 17.94 -4.86 -24.83
N GLY A 242 17.54 -3.59 -24.96
CA GLY A 242 16.60 -3.11 -25.98
C GLY A 242 16.65 -1.59 -26.09
N GLU A 243 15.81 -1.03 -26.96
CA GLU A 243 15.74 0.42 -27.26
C GLU A 243 14.86 1.08 -26.19
N ALA A 244 14.07 0.29 -25.47
CA ALA A 244 13.25 0.84 -24.36
C ALA A 244 12.91 -0.28 -23.37
N ALA A 245 12.88 0.10 -22.09
CA ALA A 245 12.42 -0.69 -20.94
C ALA A 245 10.94 -0.41 -20.77
N LEU A 246 10.06 -1.30 -21.24
CA LEU A 246 8.61 -1.23 -20.95
C LEU A 246 8.43 -1.36 -19.44
N LEU A 247 7.78 -0.38 -18.83
CA LEU A 247 7.44 -0.35 -17.38
C LEU A 247 5.94 -0.44 -17.23
N HIS A 248 5.47 -0.99 -16.09
CA HIS A 248 4.08 -0.85 -15.58
C HIS A 248 4.12 -0.03 -14.31
N TYR A 249 3.11 0.82 -14.14
CA TYR A 249 2.81 1.52 -12.88
C TYR A 249 1.78 0.66 -12.16
N VAL A 250 2.23 -0.01 -11.10
CA VAL A 250 1.46 -1.11 -10.47
C VAL A 250 0.96 -0.63 -9.11
N ASP A 251 -0.29 -0.95 -8.82
CA ASP A 251 -0.88 -0.74 -7.49
C ASP A 251 -0.49 -1.92 -6.62
N PRO A 252 0.45 -1.80 -5.66
CA PRO A 252 1.00 -2.95 -4.95
C PRO A 252 -0.01 -3.71 -4.07
N ASP A 253 -1.11 -3.09 -3.69
CA ASP A 253 -2.16 -3.77 -2.88
C ASP A 253 -2.80 -4.91 -3.68
N THR A 254 -3.07 -4.70 -4.98
CA THR A 254 -3.94 -5.59 -5.80
C THR A 254 -3.15 -6.18 -6.97
N ASN A 255 -1.90 -5.76 -7.19
CA ASN A 255 -1.09 -6.05 -8.40
C ASN A 255 -1.76 -5.49 -9.67
N ARG A 256 -2.71 -4.55 -9.57
CA ARG A 256 -3.36 -3.93 -10.77
C ARG A 256 -2.32 -3.13 -11.57
N ASN A 257 -2.32 -3.31 -12.88
CA ASN A 257 -1.51 -2.49 -13.82
C ASN A 257 -2.26 -1.20 -14.08
N LEU A 258 -1.69 -0.06 -13.71
CA LEU A 258 -2.38 1.25 -13.82
C LEU A 258 -1.94 2.00 -15.08
N GLY A 259 -0.93 1.53 -15.79
CA GLY A 259 -0.48 2.22 -17.01
C GLY A 259 0.85 1.65 -17.51
N GLU A 260 1.05 1.73 -18.83
CA GLU A 260 2.27 1.30 -19.56
C GLU A 260 3.10 2.54 -19.84
N PHE A 261 4.41 2.45 -19.60
CA PHE A 261 5.40 3.53 -19.84
C PHE A 261 6.62 2.95 -20.57
N LYS A 262 7.34 3.79 -21.30
CA LYS A 262 8.62 3.38 -21.89
C LYS A 262 9.69 4.17 -21.12
N LEU A 263 10.69 3.47 -20.58
CA LEU A 263 11.92 4.09 -20.01
C LEU A 263 13.01 4.01 -21.07
N TYR A 264 13.39 5.14 -21.65
CA TYR A 264 14.46 5.20 -22.66
C TYR A 264 15.80 5.09 -21.94
N PRO A 265 16.78 4.45 -22.62
CA PRO A 265 18.15 4.27 -22.13
C PRO A 265 18.79 5.57 -21.63
N GLY A 266 18.49 6.68 -22.30
CA GLY A 266 18.92 8.06 -21.97
C GLY A 266 18.45 8.53 -20.60
N GLY A 267 17.42 7.91 -20.02
CA GLY A 267 16.95 8.20 -18.64
C GLY A 267 15.72 9.13 -18.58
N TYR A 268 14.78 9.00 -19.52
CA TYR A 268 13.50 9.73 -19.46
C TYR A 268 12.40 8.70 -19.65
N LEU A 269 11.26 8.94 -18.99
CA LEU A 269 10.06 8.10 -19.00
C LEU A 269 9.02 8.73 -19.91
N THR A 270 8.28 7.91 -20.65
CA THR A 270 7.22 8.47 -21.51
C THR A 270 5.98 7.61 -21.42
N CYS A 271 4.83 8.21 -21.70
CA CYS A 271 3.56 7.49 -21.96
C CYS A 271 2.88 8.15 -23.14
N VAL A 272 1.82 7.51 -23.61
CA VAL A 272 0.83 8.15 -24.53
C VAL A 272 -0.40 8.56 -23.70
N PRO A 273 -0.74 9.87 -23.62
CA PRO A 273 -1.91 10.31 -22.86
C PRO A 273 -3.19 9.91 -23.60
N ASN A 274 -4.21 9.44 -22.88
CA ASN A 274 -5.45 8.85 -23.49
C ASN A 274 -6.34 9.99 -24.02
N SER A 275 -6.11 11.23 -23.59
CA SER A 275 -6.73 12.46 -24.15
C SER A 275 -5.82 13.66 -23.87
N SER A 276 -6.20 14.86 -24.36
CA SER A 276 -5.38 16.09 -24.29
C SER A 276 -5.26 16.58 -22.84
N SER A 277 -6.28 16.29 -22.02
CA SER A 277 -6.44 16.85 -20.65
C SER A 277 -6.21 15.77 -19.59
N THR A 278 -5.87 14.54 -20.00
CA THR A 278 -5.80 13.36 -19.11
C THR A 278 -4.45 12.68 -19.34
N GLY A 279 -3.95 11.99 -18.33
CA GLY A 279 -2.77 11.12 -18.46
C GLY A 279 -2.14 10.84 -17.11
N PRO A 280 -0.79 10.82 -17.00
CA PRO A 280 -0.13 10.45 -15.76
C PRO A 280 -0.45 11.36 -14.56
N GLN A 281 -0.82 12.62 -14.80
CA GLN A 281 -1.21 13.60 -13.74
C GLN A 281 -2.36 13.02 -12.90
N GLN A 282 -3.22 12.20 -13.48
CA GLN A 282 -4.40 11.58 -12.82
C GLN A 282 -4.02 10.43 -11.87
N LEU A 283 -2.84 9.81 -12.04
CA LEU A 283 -2.46 8.55 -11.36
C LEU A 283 -2.17 8.78 -9.87
N PRO A 284 -2.48 7.80 -8.99
CA PRO A 284 -2.15 7.95 -7.58
C PRO A 284 -0.62 7.96 -7.42
N LEU A 285 -0.09 8.49 -6.32
CA LEU A 285 1.37 8.57 -6.07
C LEU A 285 1.84 7.38 -5.22
N ASP A 286 1.02 6.35 -5.04
CA ASP A 286 1.40 5.22 -4.15
C ASP A 286 1.55 3.94 -4.99
N GLY A 287 1.75 4.11 -6.30
CA GLY A 287 2.11 3.03 -7.22
C GLY A 287 3.58 2.75 -7.18
N VAL A 288 3.96 1.62 -7.77
CA VAL A 288 5.37 1.17 -7.95
C VAL A 288 5.63 0.98 -9.45
N PHE A 289 6.74 1.51 -9.95
CA PHE A 289 7.19 1.25 -11.34
C PHE A 289 7.89 -0.12 -11.38
N VAL A 290 7.43 -1.01 -12.26
CA VAL A 290 7.93 -2.40 -12.40
C VAL A 290 8.38 -2.57 -13.84
N PHE A 291 9.62 -2.99 -14.05
CA PHE A 291 10.16 -3.45 -15.35
C PHE A 291 9.37 -4.67 -15.84
N ALA A 292 8.81 -4.59 -17.05
CA ALA A 292 8.06 -5.70 -17.67
C ALA A 292 8.97 -6.41 -18.68
N SER A 293 9.48 -5.69 -19.69
CA SER A 293 10.28 -6.32 -20.76
C SER A 293 11.03 -5.29 -21.57
N TRP A 294 12.04 -5.73 -22.32
CA TRP A 294 12.75 -4.86 -23.28
C TRP A 294 11.98 -4.91 -24.59
N VAL A 295 11.78 -3.74 -25.19
CA VAL A 295 10.97 -3.57 -26.43
C VAL A 295 11.69 -2.64 -27.40
N SER A 296 11.20 -2.63 -28.64
CA SER A 296 11.76 -1.79 -29.72
C SER A 296 11.23 -0.38 -29.48
N ARG A 297 11.86 0.64 -30.06
CA ARG A 297 11.43 2.05 -29.87
C ARG A 297 10.08 2.28 -30.58
N PHE A 298 9.67 1.37 -31.47
CA PHE A 298 8.40 1.41 -32.22
C PHE A 298 7.25 0.80 -31.44
N TYR A 299 7.49 0.20 -30.27
CA TYR A 299 6.42 -0.38 -29.43
C TYR A 299 5.38 0.69 -29.08
N GLN A 300 4.11 0.40 -29.41
CA GLN A 300 2.96 1.30 -29.25
C GLN A 300 2.32 1.03 -27.88
N LEU A 301 2.39 2.02 -27.00
CA LEU A 301 1.85 1.99 -25.60
C LEU A 301 0.33 2.08 -25.61
N LYS A 302 -0.35 1.29 -24.77
CA LYS A 302 -1.74 1.54 -24.34
C LYS A 302 -1.76 2.92 -23.69
N PRO A 303 -2.64 3.83 -24.18
CA PRO A 303 -2.75 5.17 -23.61
C PRO A 303 -3.11 5.15 -22.12
N VAL A 304 -2.53 6.08 -21.36
CA VAL A 304 -2.77 6.21 -19.91
C VAL A 304 -3.73 7.38 -19.67
N GLY A 305 -4.56 7.23 -18.66
CA GLY A 305 -5.48 8.29 -18.22
C GLY A 305 -6.88 7.97 -18.69
N THR A 306 -7.82 8.79 -18.21
CA THR A 306 -9.26 8.57 -18.40
C THR A 306 -9.58 8.93 -19.85
N ALA A 307 -10.41 8.10 -20.49
CA ALA A 307 -10.88 8.24 -21.89
C ALA A 307 -11.73 9.51 -22.03
N GLY A 308 -11.71 10.13 -23.21
CA GLY A 308 -12.51 11.32 -23.57
C GLY A 308 -14.00 11.02 -23.62
N THR B 1 11.46 -19.65 -7.02
CA THR B 1 10.20 -19.32 -7.80
C THR B 1 9.04 -20.14 -7.23
N ARG B 2 8.01 -19.48 -6.71
CA ARG B 2 6.86 -20.14 -6.05
C ARG B 2 6.14 -21.03 -7.07
N PRO B 3 5.98 -22.34 -6.79
CA PRO B 3 5.17 -23.22 -7.64
C PRO B 3 3.73 -22.73 -7.73
N PHE B 4 3.17 -22.84 -8.93
CA PHE B 4 1.76 -22.52 -9.22
C PHE B 4 0.87 -23.59 -8.59
N THR B 5 -0.12 -23.15 -7.82
CA THR B 5 -1.18 -24.02 -7.23
C THR B 5 -2.55 -23.39 -7.46
N VAL B 6 -3.60 -24.21 -7.44
CA VAL B 6 -4.99 -23.73 -7.26
C VAL B 6 -5.50 -24.28 -5.93
N PRO B 7 -6.41 -23.56 -5.24
CA PRO B 7 -6.93 -24.01 -3.95
C PRO B 7 -7.46 -25.45 -3.98
N ASN B 8 -6.99 -26.21 -2.99
CA ASN B 8 -7.33 -27.61 -2.72
C ASN B 8 -8.66 -27.62 -1.97
N ILE B 9 -9.75 -27.35 -2.71
CA ILE B 9 -11.14 -27.20 -2.19
C ILE B 9 -12.10 -27.67 -3.29
N PRO B 10 -13.09 -28.52 -2.95
CA PRO B 10 -14.10 -28.94 -3.92
C PRO B 10 -14.89 -27.77 -4.54
N LEU B 11 -15.13 -27.86 -5.86
CA LEU B 11 -15.75 -26.79 -6.67
C LEU B 11 -17.08 -26.31 -6.07
N LYS B 12 -17.88 -27.22 -5.49
CA LYS B 12 -19.25 -26.95 -5.00
C LYS B 12 -19.20 -25.94 -3.84
N TYR B 13 -18.04 -25.77 -3.18
CA TYR B 13 -17.86 -24.86 -2.03
C TYR B 13 -17.40 -23.45 -2.43
N LEU B 14 -17.19 -23.18 -3.72
CA LEU B 14 -16.53 -21.93 -4.19
C LEU B 14 -17.54 -20.96 -4.82
N SER B 15 -17.14 -19.69 -4.93
CA SER B 15 -18.01 -18.56 -5.37
C SER B 15 -17.86 -18.28 -6.87
N ASN B 16 -18.98 -17.94 -7.50
CA ASN B 16 -19.01 -17.21 -8.78
C ASN B 16 -18.18 -15.92 -8.62
N SER B 17 -17.59 -15.44 -9.71
CA SER B 17 -16.64 -14.30 -9.70
C SER B 17 -17.31 -13.09 -10.38
N ARG B 18 -18.56 -13.23 -10.85
CA ARG B 18 -19.39 -12.08 -11.28
C ARG B 18 -20.55 -11.81 -10.32
N ILE B 19 -21.07 -12.83 -9.63
CA ILE B 19 -22.11 -12.64 -8.56
C ILE B 19 -21.64 -13.41 -7.33
N PRO B 20 -21.90 -12.92 -6.12
CA PRO B 20 -21.36 -13.57 -4.93
C PRO B 20 -22.21 -14.76 -4.50
N ASN B 21 -22.41 -15.72 -5.39
CA ASN B 21 -23.31 -16.88 -5.25
C ASN B 21 -22.54 -18.18 -5.56
N PRO B 22 -22.87 -19.31 -4.87
CA PRO B 22 -22.09 -20.54 -4.98
C PRO B 22 -22.11 -21.13 -6.40
N ILE B 23 -21.01 -21.74 -6.85
CA ILE B 23 -20.99 -22.40 -8.18
C ILE B 23 -21.94 -23.58 -8.09
N GLU B 24 -22.90 -23.67 -9.03
CA GLU B 24 -23.89 -24.78 -9.15
C GLU B 24 -23.47 -25.73 -10.27
N GLY B 25 -22.71 -25.25 -11.26
CA GLY B 25 -22.53 -25.96 -12.54
C GLY B 25 -21.30 -25.50 -13.29
N MET B 26 -20.77 -26.37 -14.12
CA MET B 26 -19.89 -25.99 -15.24
C MET B 26 -20.77 -26.04 -16.50
N SER B 27 -20.57 -25.11 -17.41
CA SER B 27 -21.30 -25.06 -18.70
C SER B 27 -20.37 -24.62 -19.82
N LEU B 28 -20.72 -24.94 -21.06
CA LEU B 28 -20.16 -24.27 -22.26
C LEU B 28 -21.09 -23.12 -22.66
N SER B 29 -20.59 -22.18 -23.43
CA SER B 29 -21.36 -21.04 -23.97
C SER B 29 -22.32 -21.60 -25.02
N PRO B 30 -23.52 -21.01 -25.19
CA PRO B 30 -24.56 -21.62 -26.03
C PRO B 30 -24.05 -21.80 -27.47
N ASP B 31 -23.30 -20.83 -28.00
CA ASP B 31 -22.42 -20.96 -29.19
C ASP B 31 -20.97 -21.16 -28.69
N GLN B 32 -20.41 -22.36 -28.87
CA GLN B 32 -19.08 -22.76 -28.34
C GLN B 32 -17.96 -21.93 -29.00
N THR B 33 -18.28 -21.08 -29.98
CA THR B 33 -17.32 -20.16 -30.66
C THR B 33 -17.36 -18.74 -30.09
N GLN B 34 -18.39 -18.38 -29.30
CA GLN B 34 -18.63 -16.96 -28.94
C GLN B 34 -17.51 -16.50 -28.00
N ASN B 35 -17.15 -15.23 -28.11
CA ASN B 35 -16.17 -14.60 -27.20
C ASN B 35 -16.97 -13.99 -26.05
N VAL B 36 -16.31 -13.69 -24.95
CA VAL B 36 -16.91 -12.99 -23.80
C VAL B 36 -15.92 -11.90 -23.40
N GLN B 37 -16.40 -10.86 -22.71
CA GLN B 37 -15.58 -9.75 -22.23
C GLN B 37 -16.07 -9.28 -20.85
N PHE B 38 -16.38 -10.24 -19.97
CA PHE B 38 -16.68 -9.98 -18.54
C PHE B 38 -15.60 -9.05 -17.96
N GLN B 39 -16.01 -8.14 -17.07
CA GLN B 39 -15.10 -7.16 -16.43
C GLN B 39 -14.84 -7.59 -14.99
N ASN B 40 -15.71 -8.44 -14.44
CA ASN B 40 -15.45 -9.08 -13.13
C ASN B 40 -15.07 -10.54 -13.36
N GLY B 41 -14.26 -11.11 -12.46
CA GLY B 41 -13.76 -12.47 -12.58
C GLY B 41 -12.71 -12.55 -13.68
N ARG B 42 -11.76 -11.63 -13.65
CA ARG B 42 -10.71 -11.45 -14.66
C ARG B 42 -9.41 -11.31 -13.85
N CYS B 43 -8.53 -12.29 -13.95
CA CYS B 43 -7.27 -12.29 -13.18
C CYS B 43 -6.27 -13.18 -13.91
N THR B 44 -5.07 -12.65 -14.20
CA THR B 44 -3.97 -13.47 -14.78
C THR B 44 -3.61 -14.50 -13.72
N ILE B 45 -3.11 -15.66 -14.15
CA ILE B 45 -2.84 -16.73 -13.15
C ILE B 45 -1.57 -16.37 -12.36
N ASP B 46 -0.88 -15.27 -12.70
CA ASP B 46 0.18 -14.72 -11.78
C ASP B 46 -0.34 -13.56 -10.92
N GLY B 47 -1.67 -13.35 -10.86
CA GLY B 47 -2.34 -12.60 -9.77
C GLY B 47 -2.61 -11.12 -10.07
N GLN B 48 -2.64 -10.74 -11.34
CA GLN B 48 -2.99 -9.37 -11.80
C GLN B 48 -4.48 -9.34 -12.14
N PRO B 49 -5.33 -8.64 -11.34
CA PRO B 49 -6.76 -8.58 -11.65
C PRO B 49 -6.96 -7.56 -12.79
N LEU B 50 -7.93 -7.82 -13.67
CA LEU B 50 -8.26 -6.93 -14.81
C LEU B 50 -9.70 -6.42 -14.65
N GLY B 51 -10.08 -5.45 -15.48
CA GLY B 51 -11.41 -4.82 -15.44
C GLY B 51 -11.72 -4.29 -14.06
N THR B 52 -12.88 -4.65 -13.54
CA THR B 52 -13.40 -4.18 -12.23
C THR B 52 -13.14 -5.23 -11.12
N THR B 53 -12.44 -6.32 -11.44
CA THR B 53 -12.33 -7.50 -10.55
C THR B 53 -11.87 -7.09 -9.13
N PRO B 54 -12.71 -7.33 -8.10
CA PRO B 54 -12.28 -7.11 -6.72
C PRO B 54 -11.52 -8.33 -6.18
N VAL B 55 -10.83 -8.14 -5.06
CA VAL B 55 -10.12 -9.23 -4.33
C VAL B 55 -11.15 -10.19 -3.72
N SER B 56 -12.23 -9.67 -3.11
CA SER B 56 -13.10 -10.44 -2.18
C SER B 56 -14.52 -10.58 -2.74
N VAL B 57 -15.13 -11.73 -2.48
CA VAL B 57 -16.57 -11.98 -2.78
C VAL B 57 -17.37 -10.91 -2.07
N SER B 58 -16.81 -10.31 -1.00
CA SER B 58 -17.53 -9.31 -0.15
C SER B 58 -17.68 -7.97 -0.88
N GLN B 59 -16.91 -7.73 -1.94
CA GLN B 59 -16.96 -6.49 -2.74
C GLN B 59 -17.44 -6.80 -4.16
N LEU B 60 -18.17 -7.88 -4.37
CA LEU B 60 -18.43 -8.36 -5.75
C LEU B 60 -19.87 -8.06 -6.11
N CYS B 61 -20.08 -7.34 -7.22
CA CYS B 61 -21.41 -6.99 -7.79
C CYS B 61 -22.04 -5.99 -6.84
N LYS B 62 -21.24 -5.02 -6.40
CA LYS B 62 -21.62 -4.00 -5.40
C LYS B 62 -21.31 -2.62 -5.96
N PHE B 63 -22.05 -1.63 -5.48
CA PHE B 63 -21.88 -0.21 -5.91
C PHE B 63 -22.06 0.69 -4.69
N ARG B 64 -21.38 1.82 -4.73
CA ARG B 64 -21.48 2.82 -3.65
C ARG B 64 -21.50 4.19 -4.31
N GLY B 65 -22.28 5.13 -3.80
CA GLY B 65 -22.32 6.50 -4.33
C GLY B 65 -23.13 7.43 -3.46
N ARG B 66 -23.07 8.73 -3.79
CA ARG B 66 -23.85 9.81 -3.10
C ARG B 66 -25.05 10.15 -3.99
N ILE B 67 -26.20 10.35 -3.39
CA ILE B 67 -27.42 10.79 -4.14
C ILE B 67 -28.08 11.92 -3.32
N THR B 68 -28.61 12.94 -4.00
CA THR B 68 -29.24 14.10 -3.34
C THR B 68 -30.72 13.78 -3.09
N SER B 69 -31.22 14.19 -1.93
CA SER B 69 -32.62 13.96 -1.48
C SER B 69 -33.55 14.23 -2.66
N GLY B 70 -34.48 13.30 -2.87
CA GLY B 70 -35.54 13.32 -3.90
C GLY B 70 -35.01 13.25 -5.31
N GLN B 71 -33.73 12.92 -5.52
CA GLN B 71 -33.16 12.90 -6.90
C GLN B 71 -32.80 11.45 -7.29
N ARG B 72 -32.13 11.27 -8.44
CA ARG B 72 -32.04 9.97 -9.15
C ARG B 72 -30.60 9.64 -9.58
N VAL B 73 -29.67 10.60 -9.45
CA VAL B 73 -28.28 10.45 -9.96
C VAL B 73 -27.41 9.90 -8.83
N LEU B 74 -26.95 8.66 -8.97
CA LEU B 74 -25.98 8.08 -8.02
C LEU B 74 -24.57 8.49 -8.47
N ASN B 75 -23.88 9.30 -7.66
CA ASN B 75 -22.48 9.74 -7.88
C ASN B 75 -21.53 8.71 -7.27
N LEU B 76 -20.97 7.85 -8.13
CA LEU B 76 -20.29 6.60 -7.74
C LEU B 76 -18.91 6.92 -7.13
N THR B 77 -18.58 6.15 -6.12
CA THR B 77 -17.27 6.10 -5.44
C THR B 77 -16.78 4.64 -5.46
N GLU B 78 -15.56 4.43 -5.00
CA GLU B 78 -15.07 3.08 -4.66
C GLU B 78 -15.90 2.62 -3.46
N LEU B 79 -15.92 1.33 -3.15
CA LEU B 79 -16.79 0.75 -2.11
C LEU B 79 -16.36 1.21 -0.71
N ASP B 80 -15.16 1.80 -0.53
CA ASP B 80 -14.76 2.42 0.75
C ASP B 80 -15.07 3.93 0.78
N GLY B 81 -15.82 4.44 -0.18
CA GLY B 81 -16.23 5.85 -0.25
C GLY B 81 -15.18 6.76 -0.89
N SER B 82 -14.01 6.24 -1.25
CA SER B 82 -12.91 7.05 -1.84
C SER B 82 -13.23 7.35 -3.29
N PRO B 83 -12.66 8.43 -3.88
CA PRO B 83 -13.01 8.81 -5.24
C PRO B 83 -12.56 7.75 -6.27
N PHE B 84 -13.46 7.43 -7.20
CA PHE B 84 -13.15 6.65 -8.41
C PHE B 84 -12.94 7.61 -9.59
N MET B 85 -11.86 7.36 -10.33
CA MET B 85 -11.57 7.96 -11.66
C MET B 85 -11.15 6.82 -12.57
N ALA B 86 -11.61 6.82 -13.82
CA ALA B 86 -11.56 5.65 -14.74
C ALA B 86 -10.22 5.57 -15.49
N PHE B 87 -9.10 5.97 -14.87
CA PHE B 87 -7.77 6.03 -15.55
C PHE B 87 -7.29 4.60 -15.88
N ALA B 88 -7.79 3.58 -15.17
CA ALA B 88 -7.27 2.19 -15.28
C ALA B 88 -8.39 1.14 -15.41
N ALA B 89 -9.65 1.50 -15.21
CA ALA B 89 -10.78 0.55 -15.14
C ALA B 89 -12.03 1.27 -15.62
N PRO B 90 -13.01 0.55 -16.19
CA PRO B 90 -14.21 1.17 -16.74
C PRO B 90 -15.23 1.59 -15.69
N ALA B 91 -15.06 1.13 -14.45
CA ALA B 91 -16.03 1.30 -13.35
C ALA B 91 -15.33 1.03 -12.03
N PRO B 92 -15.93 1.42 -10.87
CA PRO B 92 -15.36 1.11 -9.56
C PRO B 92 -15.19 -0.40 -9.32
N ALA B 93 -14.17 -0.75 -8.54
CA ALA B 93 -13.86 -2.13 -8.15
C ALA B 93 -15.14 -2.78 -7.65
N GLY B 94 -15.48 -3.93 -8.21
CA GLY B 94 -16.63 -4.74 -7.81
C GLY B 94 -17.90 -4.36 -8.54
N PHE B 95 -17.87 -3.33 -9.38
CA PHE B 95 -19.08 -2.81 -10.05
C PHE B 95 -19.70 -3.90 -10.89
N PRO B 96 -21.04 -4.10 -10.85
CA PRO B 96 -21.65 -5.20 -11.58
C PRO B 96 -21.30 -5.12 -13.08
N ASP B 97 -21.14 -6.27 -13.73
CA ASP B 97 -20.89 -6.39 -15.20
C ASP B 97 -21.99 -7.26 -15.85
N LEU B 98 -23.20 -7.26 -15.30
CA LEU B 98 -24.28 -8.15 -15.83
C LEU B 98 -24.93 -7.45 -17.00
N GLY B 99 -24.69 -7.88 -18.23
CA GLY B 99 -25.16 -7.15 -19.41
C GLY B 99 -26.55 -7.64 -19.82
N SER B 100 -27.13 -7.00 -20.83
CA SER B 100 -28.43 -7.34 -21.46
C SER B 100 -29.39 -7.82 -20.37
N CYS B 101 -29.72 -6.91 -19.45
CA CYS B 101 -30.76 -7.08 -18.39
C CYS B 101 -30.97 -5.74 -17.67
N ASP B 102 -32.18 -5.53 -17.17
CA ASP B 102 -32.47 -4.52 -16.14
C ASP B 102 -31.95 -5.07 -14.80
N TRP B 103 -31.40 -4.17 -13.96
CA TRP B 103 -30.97 -4.43 -12.57
C TRP B 103 -32.01 -3.88 -11.60
N HIS B 104 -32.51 -4.73 -10.72
CA HIS B 104 -33.35 -4.34 -9.57
C HIS B 104 -32.42 -4.39 -8.37
N ILE B 105 -32.05 -3.23 -7.86
CA ILE B 105 -30.97 -3.05 -6.84
C ILE B 105 -31.63 -2.93 -5.46
N GLU B 106 -30.83 -3.22 -4.42
CA GLU B 106 -31.17 -2.88 -3.02
C GLU B 106 -29.93 -2.19 -2.43
N MET B 107 -30.16 -1.20 -1.56
CA MET B 107 -29.08 -0.37 -1.00
C MET B 107 -29.57 0.32 0.27
N SER B 108 -28.64 0.92 1.00
CA SER B 108 -28.91 1.53 2.32
C SER B 108 -27.73 2.44 2.61
N LYS B 109 -27.98 3.44 3.43
CA LYS B 109 -26.95 4.45 3.76
C LYS B 109 -25.95 3.81 4.70
N ILE B 110 -24.71 4.25 4.58
CA ILE B 110 -23.61 3.82 5.46
C ILE B 110 -22.88 5.10 5.88
N PRO B 111 -22.49 5.25 7.16
CA PRO B 111 -22.75 4.25 8.19
C PRO B 111 -24.21 4.39 8.64
N ASN B 112 -24.71 3.42 9.41
CA ASN B 112 -26.05 3.55 10.03
C ASN B 112 -26.03 4.74 11.00
N SER B 113 -27.05 5.59 10.94
CA SER B 113 -27.36 6.63 11.96
C SER B 113 -28.81 6.51 12.52
N SER B 114 -29.55 5.45 12.20
CA SER B 114 -31.01 5.36 12.48
C SER B 114 -31.24 4.55 13.77
N THR B 115 -32.32 4.82 14.51
CA THR B 115 -32.73 4.03 15.70
C THR B 115 -34.00 3.23 15.41
N GLN B 116 -34.57 3.37 14.20
CA GLN B 116 -35.89 2.80 13.83
C GLN B 116 -35.99 2.70 12.31
N ASN B 117 -36.99 1.96 11.80
CA ASN B 117 -37.36 1.91 10.37
C ASN B 117 -36.43 1.00 9.56
N ASN B 118 -36.93 0.56 8.40
CA ASN B 118 -36.25 -0.28 7.38
C ASN B 118 -35.23 0.60 6.66
N PRO B 119 -33.91 0.31 6.73
CA PRO B 119 -32.91 1.14 6.05
C PRO B 119 -32.81 0.86 4.55
N ILE B 120 -33.46 -0.21 4.09
CA ILE B 120 -33.25 -0.76 2.72
C ILE B 120 -34.10 0.04 1.75
N VAL B 121 -33.49 0.61 0.71
CA VAL B 121 -34.20 1.24 -0.44
C VAL B 121 -34.07 0.27 -1.62
N THR B 122 -35.18 -0.07 -2.27
CA THR B 122 -35.19 -0.80 -3.56
C THR B 122 -35.29 0.22 -4.69
N ASN B 123 -34.71 -0.10 -5.84
CA ASN B 123 -34.72 0.78 -7.03
C ASN B 123 -34.35 -0.11 -8.21
N SER B 124 -34.09 0.47 -9.37
CA SER B 124 -33.69 -0.32 -10.56
C SER B 124 -32.84 0.58 -11.45
N VAL B 125 -32.08 -0.04 -12.35
CA VAL B 125 -31.17 0.66 -13.29
C VAL B 125 -31.41 -0.01 -14.64
N LYS B 126 -31.40 0.80 -15.69
CA LYS B 126 -31.46 0.35 -17.11
C LYS B 126 -30.08 0.61 -17.68
N PRO B 127 -29.14 -0.35 -17.61
CA PRO B 127 -27.76 -0.07 -17.97
C PRO B 127 -27.61 0.29 -19.45
N ASN B 128 -28.63 0.03 -20.28
CA ASN B 128 -28.64 0.41 -21.73
C ASN B 128 -29.09 1.88 -21.91
N SER B 129 -29.39 2.60 -20.83
CA SER B 129 -29.81 4.02 -20.90
C SER B 129 -28.59 4.92 -21.12
N GLN B 130 -28.82 6.07 -21.75
CA GLN B 130 -27.79 7.06 -22.14
C GLN B 130 -27.09 7.61 -20.88
N GLN B 131 -27.77 7.67 -19.72
CA GLN B 131 -27.19 8.23 -18.46
C GLN B 131 -26.64 7.09 -17.58
N PHE B 132 -26.41 5.90 -18.16
CA PHE B 132 -25.60 4.82 -17.54
C PHE B 132 -24.13 5.07 -17.92
N VAL B 133 -23.40 5.80 -17.07
CA VAL B 133 -22.02 6.30 -17.35
C VAL B 133 -21.15 6.08 -16.11
N PRO B 134 -20.99 4.81 -15.68
CA PRO B 134 -20.06 4.48 -14.59
C PRO B 134 -18.62 4.91 -14.92
N HIS B 135 -18.24 4.91 -16.20
CA HIS B 135 -16.98 5.50 -16.75
C HIS B 135 -16.80 6.94 -16.23
N LEU B 136 -17.88 7.72 -16.12
CA LEU B 136 -17.85 9.14 -15.69
C LEU B 136 -18.35 9.24 -14.25
N SER B 137 -18.36 8.13 -13.52
CA SER B 137 -18.65 8.04 -12.07
C SER B 137 -20.10 8.41 -11.76
N SER B 138 -21.06 8.06 -12.61
CA SER B 138 -22.48 8.22 -12.22
C SER B 138 -23.39 7.33 -13.05
N ILE B 139 -24.49 6.93 -12.42
CA ILE B 139 -25.61 6.20 -13.07
C ILE B 139 -26.89 6.86 -12.58
N THR B 140 -27.93 6.78 -13.40
CA THR B 140 -29.30 7.29 -13.11
C THR B 140 -30.18 6.09 -12.81
N LEU B 141 -30.79 6.10 -11.62
CA LEU B 141 -31.81 5.12 -11.16
C LEU B 141 -33.14 5.49 -11.78
N ASP B 142 -34.10 4.56 -11.79
CA ASP B 142 -35.41 4.76 -12.44
C ASP B 142 -36.30 5.58 -11.49
N GLU B 143 -36.17 5.36 -10.19
CA GLU B 143 -37.00 5.99 -9.14
C GLU B 143 -36.15 7.00 -8.36
N ASN B 144 -36.77 8.11 -7.94
CA ASN B 144 -36.19 9.09 -6.98
C ASN B 144 -35.94 8.41 -5.64
N VAL B 145 -34.84 8.75 -5.00
CA VAL B 145 -34.52 8.32 -3.61
C VAL B 145 -34.89 9.47 -2.68
N SER B 146 -35.84 9.27 -1.77
CA SER B 146 -36.39 10.34 -0.89
C SER B 146 -35.26 10.99 -0.06
N SER B 147 -34.48 10.18 0.66
CA SER B 147 -33.48 10.63 1.68
C SER B 147 -32.04 10.53 1.15
N GLY B 148 -31.43 11.67 0.82
CA GLY B 148 -30.05 11.77 0.30
C GLY B 148 -29.04 11.21 1.29
N GLY B 149 -27.87 10.80 0.77
CA GLY B 149 -26.71 10.39 1.56
C GLY B 149 -25.83 9.41 0.80
N ASP B 150 -25.01 8.64 1.52
CA ASP B 150 -23.93 7.76 0.99
C ASP B 150 -24.45 6.31 1.03
N TYR B 151 -24.79 5.77 -0.13
CA TYR B 151 -25.49 4.46 -0.26
C TYR B 151 -24.53 3.38 -0.79
N ILE B 152 -24.56 2.20 -0.16
CA ILE B 152 -23.90 0.96 -0.67
C ILE B 152 -24.97 -0.13 -0.91
N GLY B 153 -24.84 -0.90 -1.97
CA GLY B 153 -25.84 -1.96 -2.28
C GLY B 153 -25.42 -2.81 -3.47
N THR B 154 -26.41 -3.45 -4.10
CA THR B 154 -26.15 -4.57 -5.01
C THR B 154 -27.37 -4.86 -5.87
N ILE B 155 -27.18 -5.75 -6.84
CA ILE B 155 -28.27 -6.31 -7.68
C ILE B 155 -29.01 -7.38 -6.87
N GLN B 156 -30.24 -7.08 -6.51
CA GLN B 156 -31.16 -7.97 -5.77
C GLN B 156 -31.79 -8.97 -6.74
N TRP B 157 -32.28 -8.50 -7.88
CA TRP B 157 -32.80 -9.40 -8.94
C TRP B 157 -32.64 -8.76 -10.34
N THR B 158 -32.72 -9.57 -11.39
CA THR B 158 -32.52 -9.16 -12.79
C THR B 158 -33.83 -9.42 -13.56
N SER B 159 -34.00 -8.72 -14.70
CA SER B 159 -35.14 -8.93 -15.63
C SER B 159 -34.68 -8.63 -17.05
N PRO B 160 -35.45 -9.07 -18.07
CA PRO B 160 -35.10 -8.81 -19.46
C PRO B 160 -34.96 -7.30 -19.71
N PRO B 161 -34.03 -6.88 -20.59
CA PRO B 161 -33.67 -5.48 -20.74
C PRO B 161 -34.78 -4.63 -21.37
N SER B 162 -35.02 -3.44 -20.80
CA SER B 162 -35.94 -2.40 -21.33
C SER B 162 -35.32 -1.74 -22.58
N ASP B 163 -36.17 -1.16 -23.41
CA ASP B 163 -35.72 -0.33 -24.55
C ASP B 163 -34.81 -1.18 -25.44
N SER B 164 -35.07 -2.50 -25.52
CA SER B 164 -34.21 -3.46 -26.24
C SER B 164 -34.98 -4.22 -27.33
N GLY B 165 -36.22 -3.84 -27.62
CA GLY B 165 -37.05 -4.49 -28.65
C GLY B 165 -37.43 -5.89 -28.25
N GLY B 166 -37.40 -6.21 -26.95
CA GLY B 166 -37.88 -7.51 -26.43
C GLY B 166 -36.79 -8.55 -26.37
N ALA B 167 -35.54 -8.12 -26.17
CA ALA B 167 -34.37 -9.00 -25.97
C ALA B 167 -34.53 -9.72 -24.63
N ASN B 168 -34.05 -10.95 -24.58
CA ASN B 168 -34.08 -11.74 -23.33
C ASN B 168 -32.92 -11.26 -22.46
N THR B 169 -32.98 -11.62 -21.18
CA THR B 169 -31.79 -11.64 -20.29
C THR B 169 -30.70 -12.40 -21.03
N ASN B 170 -29.49 -11.90 -20.96
CA ASN B 170 -28.33 -12.49 -21.67
C ASN B 170 -27.04 -12.13 -20.91
N PHE B 171 -26.66 -12.97 -19.95
CA PHE B 171 -25.56 -12.71 -18.99
C PHE B 171 -24.20 -12.92 -19.65
N TRP B 172 -24.19 -13.48 -20.86
CA TRP B 172 -23.00 -13.66 -21.73
C TRP B 172 -22.53 -12.30 -22.23
N LYS B 173 -23.37 -11.26 -22.08
CA LYS B 173 -23.02 -9.87 -22.51
C LYS B 173 -22.58 -9.07 -21.29
N ILE B 174 -21.93 -7.94 -21.52
CA ILE B 174 -21.59 -6.93 -20.48
C ILE B 174 -22.35 -5.64 -20.77
N PRO B 175 -22.48 -4.70 -19.80
CA PRO B 175 -23.03 -3.38 -20.10
C PRO B 175 -22.04 -2.47 -20.84
N ASP B 176 -22.57 -1.42 -21.47
CA ASP B 176 -21.79 -0.29 -22.03
C ASP B 176 -21.48 0.69 -20.90
N TYR B 177 -20.21 0.88 -20.57
CA TYR B 177 -19.74 1.66 -19.39
C TYR B 177 -19.62 3.15 -19.68
N GLY B 178 -19.29 3.53 -20.92
CA GLY B 178 -18.93 4.92 -21.31
C GLY B 178 -20.08 5.63 -22.01
N SER B 185 -11.89 3.84 -22.44
CA SER B 185 -12.36 2.42 -22.36
C SER B 185 -11.80 1.76 -21.08
N GLN B 186 -10.54 1.30 -21.15
CA GLN B 186 -9.80 0.42 -20.19
C GLN B 186 -10.67 -0.78 -19.77
N LEU B 187 -11.52 -1.28 -20.67
CA LEU B 187 -12.12 -2.64 -20.50
C LEU B 187 -11.00 -3.66 -20.47
N ALA B 188 -11.15 -4.71 -19.66
CA ALA B 188 -10.43 -5.99 -19.83
C ALA B 188 -10.79 -6.57 -21.20
N PRO B 189 -9.77 -7.07 -21.95
CA PRO B 189 -9.96 -7.52 -23.32
C PRO B 189 -10.92 -8.72 -23.45
N ALA B 190 -11.46 -8.94 -24.65
CA ALA B 190 -12.34 -10.10 -24.91
C ALA B 190 -11.51 -11.38 -24.79
N VAL B 191 -12.16 -12.51 -24.52
CA VAL B 191 -11.57 -13.87 -24.37
C VAL B 191 -12.20 -14.75 -25.45
N TYR B 192 -11.37 -15.33 -26.33
CA TYR B 192 -11.83 -16.18 -27.45
C TYR B 192 -11.46 -17.63 -27.16
N PRO B 193 -12.27 -18.61 -27.63
CA PRO B 193 -11.85 -20.02 -27.63
C PRO B 193 -10.56 -20.21 -28.41
N PRO B 194 -9.48 -20.78 -27.84
CA PRO B 194 -8.16 -20.68 -28.46
C PRO B 194 -7.70 -21.88 -29.32
N GLY B 195 -8.59 -22.43 -30.16
CA GLY B 195 -8.24 -23.43 -31.19
C GLY B 195 -8.02 -24.83 -30.63
N PHE B 196 -7.82 -25.80 -31.53
CA PHE B 196 -7.47 -27.21 -31.21
C PHE B 196 -8.71 -27.94 -30.68
N ASN B 197 -9.90 -27.56 -31.17
CA ASN B 197 -11.20 -28.14 -30.75
C ASN B 197 -11.54 -27.72 -29.32
N GLU B 198 -10.78 -26.80 -28.71
CA GLU B 198 -10.95 -26.41 -27.29
C GLU B 198 -12.10 -25.40 -27.15
N VAL B 199 -12.86 -25.52 -26.06
CA VAL B 199 -13.97 -24.59 -25.68
C VAL B 199 -13.70 -24.14 -24.25
N ILE B 200 -14.19 -22.93 -23.95
CA ILE B 200 -14.06 -22.28 -22.63
C ILE B 200 -15.07 -22.95 -21.68
N VAL B 201 -14.58 -23.25 -20.48
CA VAL B 201 -15.41 -23.76 -19.37
C VAL B 201 -15.88 -22.54 -18.58
N TYR B 202 -17.19 -22.45 -18.37
CA TYR B 202 -17.85 -21.42 -17.51
C TYR B 202 -18.40 -22.10 -16.24
N PHE B 203 -18.20 -21.38 -15.12
CA PHE B 203 -18.77 -21.65 -13.77
C PHE B 203 -20.04 -20.81 -13.62
N MET B 204 -21.15 -21.53 -13.42
CA MET B 204 -22.54 -21.01 -13.43
C MET B 204 -22.99 -20.82 -11.99
N ALA B 205 -23.70 -19.73 -11.72
CA ALA B 205 -24.37 -19.47 -10.42
C ALA B 205 -25.72 -18.82 -10.69
N SER B 206 -26.65 -18.97 -9.74
CA SER B 206 -28.03 -18.41 -9.79
C SER B 206 -28.11 -17.05 -9.11
N ILE B 207 -28.73 -16.08 -9.80
CA ILE B 207 -29.27 -14.80 -9.25
C ILE B 207 -30.77 -14.77 -9.51
N PRO B 208 -31.61 -14.29 -8.56
CA PRO B 208 -33.04 -14.29 -8.79
C PRO B 208 -33.43 -13.37 -9.97
N GLY B 209 -34.53 -13.72 -10.64
CA GLY B 209 -35.13 -12.86 -11.65
C GLY B 209 -35.81 -13.69 -12.72
N PRO B 210 -36.88 -13.16 -13.35
CA PRO B 210 -37.55 -13.88 -14.43
C PRO B 210 -36.69 -13.83 -15.70
N ASN B 211 -37.09 -14.57 -16.71
CA ASN B 211 -36.54 -14.49 -18.08
C ASN B 211 -37.63 -15.03 -19.02
N GLN B 212 -37.43 -14.91 -20.31
CA GLN B 212 -38.50 -15.11 -21.32
C GLN B 212 -38.90 -16.60 -21.37
N SER B 213 -38.00 -17.52 -21.01
CA SER B 213 -38.20 -18.99 -21.09
C SER B 213 -38.58 -19.62 -19.74
N GLY B 214 -38.62 -18.87 -18.65
CA GLY B 214 -38.99 -19.42 -17.31
C GLY B 214 -38.04 -20.52 -16.88
N SER B 215 -36.74 -20.24 -16.97
CA SER B 215 -35.64 -21.20 -16.77
C SER B 215 -34.67 -20.65 -15.74
N PRO B 216 -33.76 -21.48 -15.20
CA PRO B 216 -32.80 -21.00 -14.21
C PRO B 216 -32.10 -19.75 -14.75
N ASN B 217 -31.90 -18.80 -13.85
CA ASN B 217 -31.32 -17.48 -14.16
C ASN B 217 -29.84 -17.54 -13.78
N LEU B 218 -29.00 -18.08 -14.67
CA LEU B 218 -27.60 -18.49 -14.35
C LEU B 218 -26.59 -17.52 -14.97
N VAL B 219 -25.65 -17.02 -14.16
CA VAL B 219 -24.51 -16.16 -14.60
C VAL B 219 -23.26 -17.03 -14.79
N PRO B 220 -22.63 -16.98 -15.98
CA PRO B 220 -21.36 -17.68 -16.22
C PRO B 220 -20.21 -16.76 -15.78
N CYS B 221 -19.18 -17.31 -15.17
CA CYS B 221 -17.87 -16.63 -14.93
C CYS B 221 -16.73 -17.53 -15.44
N LEU B 222 -15.49 -17.00 -15.49
CA LEU B 222 -14.31 -17.71 -16.05
C LEU B 222 -13.59 -18.48 -14.93
N LEU B 223 -13.65 -18.00 -13.69
CA LEU B 223 -12.92 -18.55 -12.54
C LEU B 223 -13.73 -18.39 -11.26
N PRO B 224 -13.66 -19.36 -10.33
CA PRO B 224 -14.23 -19.18 -8.99
C PRO B 224 -13.49 -18.02 -8.32
N GLN B 225 -14.15 -17.22 -7.47
CA GLN B 225 -13.51 -16.03 -6.86
C GLN B 225 -12.30 -16.47 -6.01
N GLU B 226 -12.37 -17.62 -5.34
CA GLU B 226 -11.28 -18.05 -4.42
C GLU B 226 -9.97 -18.30 -5.22
N TYR B 227 -10.09 -18.75 -6.43
CA TYR B 227 -8.92 -18.92 -7.34
C TYR B 227 -8.24 -17.56 -7.50
N ILE B 228 -9.04 -16.52 -7.81
CA ILE B 228 -8.56 -15.13 -8.04
C ILE B 228 -7.85 -14.65 -6.78
N THR B 229 -8.48 -14.74 -5.61
CA THR B 229 -7.87 -14.28 -4.33
C THR B 229 -6.55 -15.01 -4.04
N HIS B 230 -6.54 -16.33 -4.19
CA HIS B 230 -5.30 -17.15 -4.18
C HIS B 230 -4.25 -16.55 -5.12
N PHE B 231 -4.59 -16.28 -6.37
CA PHE B 231 -3.53 -15.86 -7.34
C PHE B 231 -2.98 -14.49 -6.95
N ILE B 232 -3.83 -13.57 -6.45
CA ILE B 232 -3.39 -12.22 -6.02
C ILE B 232 -2.43 -12.34 -4.84
N SER B 233 -2.71 -13.17 -3.84
CA SER B 233 -1.79 -13.42 -2.71
C SER B 233 -0.49 -14.11 -3.18
N GLU B 234 -0.60 -15.14 -3.99
CA GLU B 234 0.54 -16.04 -4.38
C GLU B 234 1.44 -15.36 -5.41
N GLN B 235 0.84 -14.76 -6.44
CA GLN B 235 1.55 -14.18 -7.59
C GLN B 235 2.62 -15.19 -8.06
N ALA B 236 2.23 -16.43 -8.35
CA ALA B 236 3.15 -17.48 -8.87
C ALA B 236 3.58 -17.11 -10.29
N PRO B 237 4.89 -17.10 -10.61
CA PRO B 237 5.34 -16.81 -11.98
C PRO B 237 4.74 -17.80 -13.01
N ILE B 238 4.32 -17.27 -14.15
CA ILE B 238 3.90 -18.06 -15.34
C ILE B 238 5.17 -18.66 -15.95
N GLN B 239 5.25 -19.99 -16.04
CA GLN B 239 6.48 -20.69 -16.50
C GLN B 239 6.20 -21.47 -17.78
N GLY B 240 5.05 -21.22 -18.41
CA GLY B 240 4.63 -21.91 -19.63
C GLY B 240 3.48 -21.18 -20.31
N GLU B 241 2.98 -21.73 -21.42
CA GLU B 241 1.93 -21.09 -22.23
C GLU B 241 0.56 -21.49 -21.68
N ALA B 242 0.47 -22.62 -20.99
CA ALA B 242 -0.81 -23.08 -20.39
C ALA B 242 -0.52 -23.91 -19.14
N ALA B 243 -1.27 -23.71 -18.06
CA ALA B 243 -1.27 -24.59 -16.88
C ALA B 243 -2.25 -25.74 -17.13
N LEU B 244 -1.71 -26.96 -17.17
CA LEU B 244 -2.49 -28.23 -17.28
C LEU B 244 -3.08 -28.53 -15.90
N LEU B 245 -4.37 -28.79 -15.85
CA LEU B 245 -5.10 -29.06 -14.59
C LEU B 245 -5.84 -30.38 -14.79
N HIS B 246 -5.88 -31.20 -13.74
CA HIS B 246 -6.84 -32.32 -13.63
C HIS B 246 -7.99 -31.85 -12.75
N TYR B 247 -9.19 -32.33 -13.07
CA TYR B 247 -10.36 -32.31 -12.16
C TYR B 247 -10.39 -33.68 -11.47
N VAL B 248 -9.84 -33.73 -10.25
CA VAL B 248 -9.60 -34.97 -9.45
C VAL B 248 -10.74 -35.19 -8.46
N ASP B 249 -11.24 -36.42 -8.31
CA ASP B 249 -12.15 -36.77 -7.20
C ASP B 249 -11.29 -36.91 -5.95
N PRO B 250 -11.52 -36.15 -4.87
CA PRO B 250 -10.61 -36.21 -3.72
C PRO B 250 -10.56 -37.58 -3.03
N ASP B 251 -11.66 -38.34 -3.00
CA ASP B 251 -11.74 -39.68 -2.37
C ASP B 251 -10.83 -40.68 -3.11
N THR B 252 -11.05 -40.90 -4.41
CA THR B 252 -10.34 -41.90 -5.25
C THR B 252 -8.99 -41.36 -5.75
N ASN B 253 -8.88 -40.05 -6.00
CA ASN B 253 -7.73 -39.36 -6.68
C ASN B 253 -7.67 -39.74 -8.17
N ARG B 254 -8.76 -40.32 -8.70
CA ARG B 254 -8.98 -40.60 -10.13
C ARG B 254 -9.17 -39.27 -10.85
N ASN B 255 -8.41 -39.04 -11.91
CA ASN B 255 -8.56 -37.88 -12.83
C ASN B 255 -9.89 -38.02 -13.57
N LEU B 256 -10.82 -37.10 -13.34
CA LEU B 256 -12.17 -37.06 -13.99
C LEU B 256 -12.09 -36.32 -15.34
N GLY B 257 -10.99 -35.62 -15.64
CA GLY B 257 -10.86 -34.82 -16.88
C GLY B 257 -9.63 -33.92 -16.87
N GLU B 258 -9.10 -33.62 -18.06
CA GLU B 258 -7.93 -32.73 -18.30
C GLU B 258 -8.45 -31.35 -18.73
N PHE B 259 -7.82 -30.28 -18.23
CA PHE B 259 -8.18 -28.89 -18.60
C PHE B 259 -6.92 -28.04 -18.75
N LYS B 260 -6.96 -27.06 -19.65
CA LYS B 260 -5.89 -26.04 -19.74
C LYS B 260 -6.37 -24.72 -19.12
N LEU B 261 -5.60 -24.20 -18.18
CA LEU B 261 -5.82 -22.86 -17.60
C LEU B 261 -4.80 -21.92 -18.27
N TYR B 262 -5.27 -21.01 -19.11
CA TYR B 262 -4.40 -20.07 -19.84
C TYR B 262 -3.98 -18.93 -18.92
N PRO B 263 -2.83 -18.29 -19.20
CA PRO B 263 -2.28 -17.25 -18.31
C PRO B 263 -3.23 -16.07 -18.15
N GLY B 264 -4.06 -15.81 -19.18
CA GLY B 264 -5.10 -14.78 -19.21
C GLY B 264 -6.18 -15.05 -18.18
N GLY B 265 -6.27 -16.28 -17.64
CA GLY B 265 -7.18 -16.63 -16.54
C GLY B 265 -8.51 -17.18 -17.03
N TYR B 266 -8.51 -17.98 -18.08
CA TYR B 266 -9.71 -18.75 -18.51
C TYR B 266 -9.30 -20.21 -18.62
N LEU B 267 -10.28 -21.10 -18.48
CA LEU B 267 -10.12 -22.56 -18.43
C LEU B 267 -10.81 -23.12 -19.67
N THR B 268 -10.12 -24.03 -20.39
CA THR B 268 -10.69 -24.75 -21.56
C THR B 268 -10.62 -26.27 -21.36
N CYS B 269 -11.47 -26.97 -22.10
CA CYS B 269 -11.39 -28.43 -22.30
C CYS B 269 -11.67 -28.74 -23.78
N VAL B 270 -11.64 -30.03 -24.13
CA VAL B 270 -12.21 -30.52 -25.42
C VAL B 270 -13.37 -31.45 -25.08
N PRO B 271 -14.60 -31.11 -25.49
CA PRO B 271 -15.76 -31.95 -25.18
C PRO B 271 -15.73 -33.20 -26.05
N ASN B 272 -16.17 -34.32 -25.49
CA ASN B 272 -16.10 -35.66 -26.12
C ASN B 272 -16.94 -35.66 -27.39
N SER B 273 -18.13 -35.05 -27.33
CA SER B 273 -19.11 -35.02 -28.45
C SER B 273 -19.89 -33.71 -28.42
N SER B 274 -20.85 -33.59 -29.33
CA SER B 274 -21.65 -32.36 -29.60
C SER B 274 -22.66 -32.15 -28.45
N SER B 275 -22.95 -33.21 -27.69
CA SER B 275 -23.99 -33.24 -26.61
C SER B 275 -23.37 -33.65 -25.26
N THR B 276 -22.05 -33.66 -25.14
CA THR B 276 -21.33 -33.92 -23.87
C THR B 276 -20.32 -32.78 -23.63
N GLY B 277 -19.79 -32.72 -22.41
CA GLY B 277 -18.75 -31.76 -22.00
C GLY B 277 -18.60 -31.72 -20.48
N PRO B 278 -18.01 -30.63 -19.93
CA PRO B 278 -17.77 -30.52 -18.49
C PRO B 278 -19.08 -30.55 -17.70
N GLN B 279 -20.19 -30.28 -18.41
CA GLN B 279 -21.56 -30.14 -17.84
C GLN B 279 -21.99 -31.41 -17.05
N GLN B 280 -21.52 -32.61 -17.42
CA GLN B 280 -21.97 -33.88 -16.74
C GLN B 280 -21.04 -34.24 -15.56
N LEU B 281 -19.88 -33.60 -15.39
CA LEU B 281 -18.96 -33.91 -14.26
C LEU B 281 -19.65 -33.60 -12.94
N PRO B 282 -19.35 -34.32 -11.84
CA PRO B 282 -19.88 -33.94 -10.52
C PRO B 282 -19.17 -32.65 -10.05
N LEU B 283 -19.75 -31.97 -9.07
CA LEU B 283 -19.29 -30.63 -8.63
C LEU B 283 -18.46 -30.73 -7.34
N ASP B 284 -18.19 -31.95 -6.86
CA ASP B 284 -17.38 -32.15 -5.63
C ASP B 284 -15.96 -32.58 -6.05
N GLY B 285 -15.57 -32.29 -7.29
CA GLY B 285 -14.19 -32.47 -7.77
C GLY B 285 -13.30 -31.32 -7.32
N VAL B 286 -11.99 -31.52 -7.34
CA VAL B 286 -10.96 -30.48 -7.05
C VAL B 286 -10.10 -30.32 -8.30
N PHE B 287 -9.82 -29.08 -8.71
CA PHE B 287 -8.79 -28.78 -9.72
C PHE B 287 -7.43 -28.82 -9.04
N VAL B 288 -6.48 -29.52 -9.68
CA VAL B 288 -5.09 -29.68 -9.18
C VAL B 288 -4.17 -29.33 -10.34
N PHE B 289 -3.11 -28.59 -10.05
CA PHE B 289 -2.09 -28.26 -11.05
C PHE B 289 -1.35 -29.57 -11.37
N ALA B 290 -1.26 -29.94 -12.65
CA ALA B 290 -0.39 -31.05 -13.13
C ALA B 290 0.98 -30.45 -13.50
N SER B 291 1.03 -29.58 -14.51
CA SER B 291 2.31 -29.12 -15.15
C SER B 291 2.08 -28.02 -16.17
N TRP B 292 3.09 -27.19 -16.43
CA TRP B 292 3.08 -26.21 -17.55
C TRP B 292 3.24 -26.93 -18.88
N VAL B 293 2.42 -26.60 -19.88
CA VAL B 293 2.40 -27.22 -21.24
C VAL B 293 2.45 -26.12 -22.29
N SER B 294 2.73 -26.45 -23.55
CA SER B 294 2.72 -25.49 -24.67
C SER B 294 1.27 -25.20 -25.12
N ARG B 295 1.09 -24.07 -25.82
CA ARG B 295 -0.19 -23.54 -26.39
C ARG B 295 -0.91 -24.63 -27.22
N PHE B 296 -0.15 -25.49 -27.92
CA PHE B 296 -0.66 -26.53 -28.84
C PHE B 296 -1.06 -27.81 -28.09
N TYR B 297 -0.53 -28.04 -26.88
CA TYR B 297 -0.76 -29.27 -26.07
C TYR B 297 -2.22 -29.73 -26.24
N GLN B 298 -2.41 -30.95 -26.72
CA GLN B 298 -3.74 -31.52 -27.03
C GLN B 298 -4.28 -32.22 -25.77
N LEU B 299 -5.49 -31.88 -25.35
CA LEU B 299 -6.19 -32.49 -24.19
C LEU B 299 -6.95 -33.74 -24.66
N LYS B 300 -7.11 -34.75 -23.79
CA LYS B 300 -8.07 -35.85 -24.01
C LYS B 300 -9.47 -35.29 -23.78
N PRO B 301 -10.47 -35.65 -24.60
CA PRO B 301 -11.84 -35.16 -24.38
C PRO B 301 -12.47 -35.57 -23.03
N VAL B 302 -13.42 -34.77 -22.54
CA VAL B 302 -14.22 -35.05 -21.31
C VAL B 302 -15.70 -35.19 -21.69
N GLY B 303 -16.38 -36.15 -21.07
CA GLY B 303 -17.83 -36.39 -21.27
C GLY B 303 -18.10 -37.36 -22.41
N THR C 1 15.55 -17.27 -3.79
CA THR C 1 16.08 -16.70 -2.52
C THR C 1 17.07 -15.57 -2.83
N ARG C 2 16.56 -14.32 -2.90
CA ARG C 2 17.32 -13.06 -3.18
C ARG C 2 18.58 -13.00 -2.33
N PRO C 3 19.80 -13.04 -2.93
CA PRO C 3 21.04 -12.89 -2.16
C PRO C 3 21.16 -11.49 -1.57
N PHE C 4 21.72 -11.39 -0.37
CA PHE C 4 22.01 -10.11 0.30
C PHE C 4 23.06 -9.34 -0.49
N THR C 5 22.80 -8.04 -0.65
CA THR C 5 23.68 -7.04 -1.30
C THR C 5 23.63 -5.73 -0.51
N VAL C 6 24.73 -4.99 -0.56
CA VAL C 6 24.79 -3.55 -0.21
C VAL C 6 25.09 -2.80 -1.51
N PRO C 7 24.58 -1.56 -1.67
CA PRO C 7 24.88 -0.77 -2.86
C PRO C 7 26.37 -0.65 -3.21
N ASN C 8 26.64 -0.78 -4.52
CA ASN C 8 28.00 -0.77 -5.12
C ASN C 8 28.34 0.69 -5.44
N ILE C 9 28.48 1.49 -4.40
CA ILE C 9 28.77 2.94 -4.47
C ILE C 9 29.83 3.29 -3.43
N PRO C 10 30.86 4.08 -3.79
CA PRO C 10 31.78 4.61 -2.77
C PRO C 10 31.09 5.40 -1.65
N LEU C 11 31.48 5.10 -0.41
CA LEU C 11 30.98 5.74 0.84
C LEU C 11 30.90 7.28 0.71
N LYS C 12 31.89 7.95 0.12
CA LYS C 12 31.99 9.44 0.11
C LYS C 12 30.77 10.05 -0.61
N TYR C 13 30.03 9.26 -1.41
CA TYR C 13 28.88 9.74 -2.21
C TYR C 13 27.53 9.48 -1.54
N LEU C 14 27.52 8.98 -0.30
CA LEU C 14 26.30 8.46 0.38
C LEU C 14 25.90 9.40 1.49
N SER C 15 24.64 9.35 1.88
CA SER C 15 24.05 10.33 2.84
C SER C 15 24.07 9.75 4.24
N ASN C 16 24.34 10.59 5.24
CA ASN C 16 24.01 10.32 6.66
C ASN C 16 22.53 9.93 6.75
N SER C 17 22.13 9.22 7.81
CA SER C 17 20.77 8.64 7.93
C SER C 17 20.03 9.28 9.13
N ARG C 18 20.66 10.25 9.80
CA ARG C 18 20.01 11.15 10.79
C ARG C 18 19.91 12.60 10.28
N ILE C 19 20.82 13.06 9.41
CA ILE C 19 20.73 14.42 8.78
C ILE C 19 21.00 14.27 7.29
N PRO C 20 20.32 15.02 6.39
CA PRO C 20 20.47 14.81 4.95
C PRO C 20 21.76 15.44 4.39
N ASN C 21 22.92 15.06 4.95
CA ASN C 21 24.25 15.63 4.61
C ASN C 21 25.25 14.52 4.27
N PRO C 22 26.22 14.74 3.35
CA PRO C 22 27.11 13.66 2.90
C PRO C 22 27.95 13.13 4.07
N ILE C 23 28.25 11.83 4.03
CA ILE C 23 29.18 11.19 5.00
C ILE C 23 30.56 11.79 4.78
N GLU C 24 31.18 12.30 5.84
CA GLU C 24 32.55 12.88 5.78
C GLU C 24 33.58 11.92 6.40
N GLY C 25 33.15 10.89 7.12
CA GLY C 25 34.04 10.12 7.98
C GLY C 25 33.35 8.95 8.64
N MET C 26 34.13 7.97 9.06
CA MET C 26 33.73 6.90 9.99
C MET C 26 34.37 7.23 11.34
N SER C 27 33.69 6.88 12.43
CA SER C 27 34.19 7.18 13.78
C SER C 27 33.66 6.13 14.77
N LEU C 28 34.38 5.95 15.87
CA LEU C 28 33.90 5.19 17.04
C LEU C 28 33.15 6.17 17.95
N SER C 29 32.31 5.65 18.85
CA SER C 29 31.68 6.43 19.92
C SER C 29 32.76 6.87 20.90
N PRO C 30 32.66 8.07 21.52
CA PRO C 30 33.73 8.58 22.38
C PRO C 30 34.17 7.51 23.41
N ASP C 31 33.20 6.92 24.09
CA ASP C 31 33.32 5.67 24.89
C ASP C 31 32.88 4.51 24.00
N GLN C 32 33.69 3.49 23.83
CA GLN C 32 33.41 2.38 22.89
C GLN C 32 32.50 1.31 23.54
N THR C 33 32.22 1.40 24.85
CA THR C 33 31.21 0.56 25.57
C THR C 33 29.80 1.18 25.40
N GLN C 34 29.73 2.36 24.78
CA GLN C 34 28.50 3.20 24.84
C GLN C 34 27.42 2.56 23.96
N ASN C 35 26.17 2.64 24.42
CA ASN C 35 24.99 2.26 23.62
C ASN C 35 24.38 3.53 23.00
N VAL C 36 23.67 3.37 21.90
CA VAL C 36 22.99 4.48 21.18
C VAL C 36 21.57 3.97 20.94
N GLN C 37 20.61 4.89 20.89
CA GLN C 37 19.19 4.57 20.59
C GLN C 37 18.64 5.59 19.59
N PHE C 38 19.40 5.84 18.52
CA PHE C 38 19.00 6.66 17.35
C PHE C 38 17.65 6.14 16.89
N GLN C 39 16.75 7.02 16.48
CA GLN C 39 15.42 6.66 15.93
C GLN C 39 15.44 6.78 14.40
N ASN C 40 16.29 7.63 13.84
CA ASN C 40 16.52 7.66 12.38
C ASN C 40 17.79 6.87 12.04
N GLY C 41 17.84 6.33 10.82
CA GLY C 41 18.91 5.42 10.36
C GLY C 41 18.84 4.10 11.13
N ARG C 42 17.66 3.51 11.18
CA ARG C 42 17.39 2.24 11.84
C ARG C 42 16.65 1.38 10.80
N CYS C 43 17.22 0.27 10.44
CA CYS C 43 16.67 -0.65 9.42
C CYS C 43 17.34 -2.01 9.57
N THR C 44 16.54 -3.08 9.61
CA THR C 44 17.08 -4.47 9.63
C THR C 44 17.60 -4.73 8.21
N ILE C 45 18.53 -5.64 8.07
CA ILE C 45 19.14 -5.84 6.72
C ILE C 45 18.21 -6.66 5.84
N ASP C 46 17.06 -7.12 6.35
CA ASP C 46 15.98 -7.67 5.50
C ASP C 46 14.94 -6.58 5.21
N GLY C 47 15.21 -5.33 5.57
CA GLY C 47 14.52 -4.13 4.99
C GLY C 47 13.32 -3.63 5.79
N GLN C 48 13.27 -3.98 7.07
CA GLN C 48 12.24 -3.45 8.01
C GLN C 48 12.79 -2.18 8.67
N PRO C 49 12.27 -0.96 8.36
CA PRO C 49 12.72 0.26 9.02
C PRO C 49 12.15 0.32 10.46
N LEU C 50 12.91 0.92 11.39
CA LEU C 50 12.64 1.03 12.84
C LEU C 50 12.52 2.49 13.22
N GLY C 51 11.92 2.76 14.38
CA GLY C 51 11.76 4.12 14.92
C GLY C 51 11.13 5.06 13.92
N THR C 52 11.75 6.22 13.68
CA THR C 52 11.23 7.28 12.77
C THR C 52 11.85 7.13 11.37
N THR C 53 12.66 6.10 11.13
CA THR C 53 13.44 5.97 9.87
C THR C 53 12.54 6.11 8.64
N PRO C 54 12.74 7.20 7.83
CA PRO C 54 12.06 7.31 6.55
C PRO C 54 12.78 6.51 5.45
N VAL C 55 12.13 6.36 4.30
CA VAL C 55 12.69 5.69 3.11
C VAL C 55 13.77 6.59 2.51
N SER C 56 13.47 7.89 2.28
CA SER C 56 14.26 8.82 1.41
C SER C 56 14.98 9.88 2.23
N VAL C 57 16.16 10.31 1.76
CA VAL C 57 16.94 11.46 2.32
C VAL C 57 16.07 12.71 2.25
N SER C 58 15.08 12.73 1.34
CA SER C 58 14.21 13.90 1.07
C SER C 58 13.18 14.04 2.20
N GLN C 59 13.04 13.03 3.06
CA GLN C 59 12.12 13.11 4.22
C GLN C 59 12.90 13.05 5.51
N LEU C 60 14.17 13.37 5.50
CA LEU C 60 15.02 13.04 6.68
C LEU C 60 15.29 14.32 7.45
N CYS C 61 14.92 14.33 8.73
CA CYS C 61 15.22 15.41 9.71
C CYS C 61 14.35 16.60 9.31
N LYS C 62 13.10 16.28 8.96
CA LYS C 62 12.04 17.24 8.60
C LYS C 62 10.85 17.01 9.51
N PHE C 63 10.04 18.05 9.59
CA PHE C 63 8.78 18.09 10.37
C PHE C 63 7.74 18.86 9.54
N ARG C 64 6.48 18.56 9.81
CA ARG C 64 5.32 19.23 9.18
C ARG C 64 4.26 19.37 10.27
N GLY C 65 3.53 20.48 10.27
CA GLY C 65 2.44 20.67 11.23
C GLY C 65 1.68 21.95 10.97
N ARG C 66 0.52 22.07 11.61
CA ARG C 66 -0.37 23.26 11.55
C ARG C 66 -0.02 24.16 12.75
N ILE C 67 0.26 25.45 12.52
CA ILE C 67 0.40 26.45 13.61
C ILE C 67 -0.68 27.54 13.42
N THR C 68 -1.26 28.04 14.51
CA THR C 68 -2.26 29.14 14.53
C THR C 68 -1.53 30.48 14.56
N SER C 69 -2.00 31.46 13.76
CA SER C 69 -1.41 32.82 13.62
C SER C 69 -1.09 33.40 15.01
N GLY C 70 0.10 33.99 15.15
CA GLY C 70 0.62 34.62 16.39
C GLY C 70 0.88 33.62 17.52
N GLN C 71 0.81 32.32 17.28
CA GLN C 71 0.98 31.29 18.36
C GLN C 71 2.31 30.54 18.18
N ARG C 72 2.55 29.55 19.06
CA ARG C 72 3.85 28.85 19.26
C ARG C 72 3.71 27.32 19.14
N VAL C 73 2.48 26.78 19.09
CA VAL C 73 2.26 25.30 19.11
C VAL C 73 2.20 24.80 17.66
N LEU C 74 3.20 24.03 17.25
CA LEU C 74 3.17 23.25 16.00
C LEU C 74 2.44 21.93 16.29
N ASN C 75 1.28 21.71 15.66
CA ASN C 75 0.49 20.44 15.71
C ASN C 75 0.97 19.55 14.57
N LEU C 76 1.71 18.48 14.88
CA LEU C 76 2.53 17.69 13.93
C LEU C 76 1.69 16.73 13.11
N THR C 77 2.05 16.60 11.84
CA THR C 77 1.47 15.64 10.87
C THR C 77 2.61 14.77 10.31
N GLU C 78 2.28 13.76 9.51
CA GLU C 78 3.24 13.11 8.60
C GLU C 78 3.63 14.17 7.56
N LEU C 79 4.75 13.98 6.85
CA LEU C 79 5.32 15.01 5.97
C LEU C 79 4.44 15.20 4.72
N ASP C 80 3.49 14.30 4.48
CA ASP C 80 2.47 14.46 3.40
C ASP C 80 1.19 15.14 3.92
N GLY C 81 1.14 15.51 5.21
CA GLY C 81 -0.03 16.16 5.82
C GLY C 81 -1.00 15.14 6.40
N SER C 82 -0.72 13.84 6.28
CA SER C 82 -1.49 12.72 6.88
C SER C 82 -1.41 12.81 8.39
N PRO C 83 -2.46 12.36 9.12
CA PRO C 83 -2.43 12.35 10.57
C PRO C 83 -1.35 11.38 11.08
N PHE C 84 -0.57 11.79 12.07
CA PHE C 84 0.35 10.93 12.83
C PHE C 84 -0.31 10.50 14.15
N MET C 85 -0.28 9.20 14.44
CA MET C 85 -0.56 8.64 15.78
C MET C 85 0.58 7.66 16.11
N ALA C 86 1.16 7.77 17.32
CA ALA C 86 2.37 7.05 17.75
C ALA C 86 2.02 5.62 18.19
N PHE C 87 1.17 4.91 17.42
CA PHE C 87 0.79 3.51 17.71
C PHE C 87 1.98 2.60 17.40
N ALA C 88 2.91 3.03 16.55
CA ALA C 88 4.03 2.18 16.07
C ALA C 88 5.39 2.87 16.14
N ALA C 89 5.50 4.17 16.46
CA ALA C 89 6.76 4.93 16.41
C ALA C 89 6.66 6.14 17.34
N PRO C 90 7.78 6.70 17.82
CA PRO C 90 7.76 7.78 18.80
C PRO C 90 7.37 9.17 18.26
N ALA C 91 7.38 9.35 16.95
CA ALA C 91 7.16 10.64 16.26
C ALA C 91 6.91 10.35 14.77
N PRO C 92 6.48 11.35 13.97
CA PRO C 92 6.26 11.12 12.54
C PRO C 92 7.53 10.66 11.81
N ALA C 93 7.36 9.91 10.72
CA ALA C 93 8.46 9.45 9.83
C ALA C 93 9.33 10.66 9.46
N GLY C 94 10.64 10.57 9.62
CA GLY C 94 11.57 11.66 9.25
C GLY C 94 11.89 12.59 10.40
N PHE C 95 11.04 12.65 11.43
CA PHE C 95 11.18 13.64 12.51
C PHE C 95 12.61 13.60 13.05
N PRO C 96 13.31 14.74 13.27
CA PRO C 96 14.66 14.70 13.83
C PRO C 96 14.82 13.93 15.13
N ASP C 97 15.97 13.26 15.32
CA ASP C 97 16.32 12.50 16.56
C ASP C 97 17.59 13.12 17.18
N LEU C 98 17.88 14.39 16.92
CA LEU C 98 19.15 15.03 17.39
C LEU C 98 18.99 15.42 18.86
N GLY C 99 19.54 14.63 19.79
CA GLY C 99 19.41 14.87 21.24
C GLY C 99 20.41 15.87 21.77
N SER C 100 20.35 16.19 23.07
CA SER C 100 21.27 17.09 23.81
C SER C 100 21.69 18.28 22.93
N CYS C 101 20.71 19.08 22.48
CA CYS C 101 20.96 20.36 21.76
C CYS C 101 19.65 21.12 21.55
N ASP C 102 19.78 22.42 21.31
CA ASP C 102 18.67 23.28 20.80
C ASP C 102 18.65 23.18 19.27
N TRP C 103 17.43 23.09 18.72
CA TRP C 103 17.17 23.11 17.26
C TRP C 103 16.81 24.54 16.82
N HIS C 104 17.60 25.13 15.93
CA HIS C 104 17.27 26.38 15.22
C HIS C 104 16.74 25.95 13.87
N ILE C 105 15.42 26.06 13.68
CA ILE C 105 14.67 25.47 12.55
C ILE C 105 14.40 26.55 11.47
N GLU C 106 14.20 26.11 10.24
CA GLU C 106 13.63 26.97 9.20
C GLU C 106 12.45 26.20 8.59
N MET C 107 11.45 26.92 8.10
CA MET C 107 10.19 26.32 7.63
C MET C 107 9.42 27.37 6.81
N SER C 108 8.42 26.90 6.09
CA SER C 108 7.61 27.73 5.19
C SER C 108 6.31 26.98 4.93
N LYS C 109 5.31 27.73 4.50
CA LYS C 109 3.95 27.20 4.32
C LYS C 109 3.93 26.38 3.04
N ILE C 110 3.16 25.30 3.04
CA ILE C 110 2.96 24.42 1.86
C ILE C 110 1.45 24.23 1.68
N PRO C 111 0.89 24.37 0.46
CA PRO C 111 1.64 24.84 -0.72
C PRO C 111 1.94 26.33 -0.69
N ASN C 112 2.71 26.80 -1.66
CA ASN C 112 2.95 28.24 -1.89
C ASN C 112 1.63 28.86 -2.39
N SER C 113 1.28 30.02 -1.85
CA SER C 113 0.16 30.86 -2.34
C SER C 113 0.62 32.30 -2.52
N SER C 114 1.92 32.59 -2.39
CA SER C 114 2.45 33.98 -2.31
C SER C 114 2.94 34.43 -3.69
N THR C 115 2.95 35.76 -3.95
CA THR C 115 3.43 36.38 -5.21
C THR C 115 4.60 37.30 -4.91
N GLN C 116 5.01 37.46 -3.65
CA GLN C 116 6.28 38.15 -3.29
C GLN C 116 6.60 37.88 -1.81
N ASN C 117 7.66 38.50 -1.29
CA ASN C 117 8.12 38.35 0.11
C ASN C 117 8.84 37.00 0.30
N ASN C 118 9.81 37.00 1.23
CA ASN C 118 10.49 35.81 1.82
C ASN C 118 9.47 34.87 2.48
N PRO C 119 9.31 33.59 2.05
CA PRO C 119 8.37 32.68 2.71
C PRO C 119 8.98 31.94 3.92
N ILE C 120 10.28 32.12 4.15
CA ILE C 120 11.01 31.37 5.20
C ILE C 120 10.75 32.00 6.54
N VAL C 121 10.33 31.19 7.51
CA VAL C 121 10.27 31.58 8.95
C VAL C 121 11.37 30.79 9.66
N THR C 122 12.29 31.45 10.33
CA THR C 122 13.25 30.84 11.29
C THR C 122 12.63 30.90 12.68
N ASN C 123 12.99 29.94 13.54
CA ASN C 123 12.42 29.79 14.90
C ASN C 123 13.34 28.80 15.64
N SER C 124 12.97 28.32 16.83
CA SER C 124 13.86 27.41 17.58
C SER C 124 13.05 26.52 18.50
N VAL C 125 13.63 25.35 18.84
CA VAL C 125 12.97 24.32 19.68
C VAL C 125 13.99 23.90 20.72
N LYS C 126 13.54 23.82 21.98
CA LYS C 126 14.25 23.21 23.14
C LYS C 126 13.61 21.84 23.35
N PRO C 127 14.20 20.74 22.81
CA PRO C 127 13.57 19.42 22.92
C PRO C 127 13.60 18.87 24.35
N ASN C 128 14.36 19.48 25.27
CA ASN C 128 14.33 19.11 26.72
C ASN C 128 13.13 19.77 27.44
N SER C 129 12.32 20.59 26.77
CA SER C 129 11.16 21.27 27.42
C SER C 129 10.00 20.29 27.54
N GLN C 130 9.12 20.52 28.51
CA GLN C 130 8.07 19.56 28.89
C GLN C 130 6.96 19.50 27.82
N GLN C 131 6.83 20.55 27.01
CA GLN C 131 5.81 20.58 25.92
C GLN C 131 6.49 20.24 24.58
N PHE C 132 7.69 19.63 24.64
CA PHE C 132 8.26 18.83 23.53
C PHE C 132 7.70 17.42 23.62
N VAL C 133 6.57 17.17 22.95
CA VAL C 133 5.78 15.90 23.07
C VAL C 133 5.38 15.44 21.67
N PRO C 134 6.36 15.17 20.77
CA PRO C 134 6.05 14.67 19.42
C PRO C 134 5.25 13.36 19.45
N HIS C 135 5.41 12.55 20.50
CA HIS C 135 4.65 11.29 20.76
C HIS C 135 3.15 11.61 20.85
N LEU C 136 2.76 12.87 21.14
CA LEU C 136 1.35 13.36 21.10
C LEU C 136 1.16 14.38 19.97
N SER C 137 1.91 14.31 18.89
CA SER C 137 1.74 15.17 17.68
C SER C 137 1.82 16.67 18.04
N SER C 138 2.71 17.07 18.95
CA SER C 138 2.78 18.49 19.35
C SER C 138 4.19 18.84 19.84
N ILE C 139 4.73 19.98 19.38
CA ILE C 139 5.93 20.66 19.99
C ILE C 139 5.67 22.16 19.97
N THR C 140 6.23 22.89 20.93
CA THR C 140 6.06 24.37 21.02
C THR C 140 7.41 25.01 20.70
N LEU C 141 7.39 25.96 19.78
CA LEU C 141 8.56 26.75 19.33
C LEU C 141 8.82 27.85 20.35
N ASP C 142 9.99 28.49 20.29
CA ASP C 142 10.40 29.51 21.28
C ASP C 142 9.79 30.88 20.92
N GLU C 143 9.61 31.19 19.63
CA GLU C 143 9.06 32.50 19.19
C GLU C 143 7.74 32.27 18.45
N ASN C 144 6.80 33.21 18.62
CA ASN C 144 5.45 33.18 18.02
C ASN C 144 5.56 33.33 16.50
N VAL C 145 4.71 32.60 15.78
CA VAL C 145 4.69 32.60 14.29
C VAL C 145 3.53 33.50 13.86
N SER C 146 3.84 34.60 13.18
CA SER C 146 2.87 35.67 12.84
C SER C 146 1.78 35.12 11.91
N SER C 147 2.13 34.41 10.85
CA SER C 147 1.18 33.95 9.81
C SER C 147 0.86 32.45 9.99
N GLY C 148 -0.33 32.13 10.48
CA GLY C 148 -0.81 30.75 10.67
C GLY C 148 -0.77 29.98 9.35
N GLY C 149 -0.67 28.66 9.41
CA GLY C 149 -0.90 27.77 8.25
C GLY C 149 -0.23 26.40 8.37
N ASP C 150 0.06 25.76 7.23
CA ASP C 150 0.58 24.36 7.11
C ASP C 150 2.07 24.46 6.80
N TYR C 151 2.93 24.16 7.78
CA TYR C 151 4.39 24.44 7.70
C TYR C 151 5.19 23.14 7.58
N ILE C 152 6.14 23.13 6.65
CA ILE C 152 7.16 22.04 6.50
C ILE C 152 8.54 22.66 6.67
N GLY C 153 9.41 22.00 7.43
CA GLY C 153 10.73 22.58 7.77
C GLY C 153 11.75 21.54 8.17
N THR C 154 12.87 22.02 8.69
CA THR C 154 14.09 21.22 8.92
C THR C 154 14.93 21.95 9.97
N ILE C 155 15.90 21.26 10.57
CA ILE C 155 16.83 21.94 11.50
C ILE C 155 17.88 22.64 10.65
N GLN C 156 17.96 23.95 10.81
CA GLN C 156 18.91 24.79 10.06
C GLN C 156 20.27 24.76 10.76
N TRP C 157 20.29 24.96 12.05
CA TRP C 157 21.53 24.90 12.87
C TRP C 157 21.22 24.40 14.29
N THR C 158 22.24 23.96 15.04
CA THR C 158 22.08 23.41 16.40
C THR C 158 22.96 24.24 17.32
N SER C 159 22.64 24.25 18.61
CA SER C 159 23.46 24.90 19.66
C SER C 159 23.38 24.03 20.92
N PRO C 160 24.30 24.23 21.89
CA PRO C 160 24.22 23.50 23.16
C PRO C 160 22.84 23.66 23.77
N PRO C 161 22.32 22.68 24.54
CA PRO C 161 20.92 22.68 24.99
C PRO C 161 20.69 23.67 26.14
N SER C 162 19.56 24.40 26.08
CA SER C 162 19.11 25.35 27.13
C SER C 162 18.66 24.56 28.36
N ASP C 163 18.57 25.24 29.51
CA ASP C 163 18.02 24.70 30.77
C ASP C 163 18.63 23.32 31.02
N SER C 164 19.93 23.18 30.76
CA SER C 164 20.66 21.89 30.81
C SER C 164 21.85 21.96 31.79
N GLY C 165 22.01 23.10 32.48
CA GLY C 165 23.17 23.40 33.33
C GLY C 165 24.45 23.38 32.52
N GLY C 166 24.42 24.02 31.35
CA GLY C 166 25.60 24.31 30.50
C GLY C 166 26.20 23.06 29.85
N ALA C 167 25.38 22.05 29.55
CA ALA C 167 25.78 20.81 28.86
C ALA C 167 26.10 21.16 27.41
N ASN C 168 27.07 20.45 26.83
CA ASN C 168 27.49 20.66 25.43
C ASN C 168 26.45 20.00 24.51
N THR C 169 26.46 20.39 23.24
CA THR C 169 25.93 19.57 22.14
C THR C 169 26.44 18.14 22.33
N ASN C 170 25.57 17.14 22.18
CA ASN C 170 25.92 15.71 22.31
C ASN C 170 25.00 14.88 21.40
N PHE C 171 25.43 14.66 20.17
CA PHE C 171 24.60 14.05 19.10
C PHE C 171 24.52 12.54 19.26
N TRP C 172 25.22 11.97 20.25
CA TRP C 172 25.15 10.54 20.64
C TRP C 172 23.87 10.28 21.42
N LYS C 173 23.15 11.35 21.80
CA LYS C 173 21.87 11.25 22.56
C LYS C 173 20.71 11.39 21.58
N ILE C 174 19.51 11.02 22.04
CA ILE C 174 18.24 11.26 21.32
C ILE C 174 17.42 12.15 22.24
N PRO C 175 16.41 12.87 21.71
CA PRO C 175 15.47 13.60 22.58
C PRO C 175 14.57 12.68 23.41
N ASP C 176 13.97 13.24 24.46
CA ASP C 176 12.81 12.66 25.14
C ASP C 176 11.62 12.95 24.24
N TYR C 177 10.92 11.93 23.76
CA TYR C 177 9.75 12.07 22.85
C TYR C 177 8.45 12.18 23.63
N GLY C 178 8.43 11.66 24.87
CA GLY C 178 7.21 11.14 25.54
C GLY C 178 6.50 12.18 26.40
N SER C 179 6.54 11.99 27.73
CA SER C 179 5.87 12.83 28.77
C SER C 179 4.38 12.49 28.85
N GLU C 183 4.63 9.38 28.25
CA GLU C 183 5.72 8.37 28.15
C GLU C 183 5.70 7.77 26.73
N ALA C 184 6.84 7.82 26.03
CA ALA C 184 7.03 7.31 24.65
C ALA C 184 7.52 5.85 24.70
N SER C 185 6.75 4.93 24.11
CA SER C 185 6.85 3.46 24.32
C SER C 185 7.29 2.73 23.05
N GLN C 186 7.23 3.39 21.87
CA GLN C 186 7.38 2.71 20.56
C GLN C 186 8.76 3.04 19.97
N LEU C 187 9.76 3.24 20.84
CA LEU C 187 11.17 3.54 20.47
C LEU C 187 11.85 2.30 19.86
N ALA C 188 12.63 2.50 18.80
CA ALA C 188 13.58 1.50 18.29
C ALA C 188 14.58 1.22 19.40
N PRO C 189 14.86 -0.07 19.70
CA PRO C 189 15.60 -0.45 20.90
C PRO C 189 17.04 0.07 20.83
N ALA C 190 17.72 0.22 21.95
CA ALA C 190 19.14 0.68 21.96
C ALA C 190 19.99 -0.37 21.25
N VAL C 191 21.17 0.00 20.78
CA VAL C 191 22.14 -0.92 20.14
C VAL C 191 23.37 -0.91 21.02
N TYR C 192 23.94 -2.10 21.27
CA TYR C 192 25.11 -2.30 22.14
C TYR C 192 26.24 -2.97 21.37
N PRO C 193 27.52 -2.65 21.70
CA PRO C 193 28.67 -3.39 21.19
C PRO C 193 28.59 -4.89 21.51
N PRO C 194 28.54 -5.80 20.52
CA PRO C 194 28.22 -7.21 20.77
C PRO C 194 29.43 -8.15 20.93
N GLY C 195 30.26 -7.89 21.96
CA GLY C 195 31.33 -8.80 22.40
C GLY C 195 32.41 -8.99 21.34
N PHE C 196 33.38 -9.86 21.62
CA PHE C 196 34.35 -10.41 20.65
C PHE C 196 35.30 -9.32 20.14
N ASN C 197 35.61 -8.32 20.99
CA ASN C 197 36.55 -7.19 20.74
C ASN C 197 35.99 -6.17 19.74
N GLU C 198 34.71 -6.32 19.36
CA GLU C 198 34.07 -5.51 18.29
C GLU C 198 33.58 -4.17 18.85
N VAL C 199 33.75 -3.10 18.07
CA VAL C 199 33.15 -1.77 18.35
C VAL C 199 32.19 -1.48 17.20
N ILE C 200 31.15 -0.69 17.47
CA ILE C 200 30.21 -0.20 16.44
C ILE C 200 30.90 0.91 15.64
N VAL C 201 30.69 0.89 14.33
CA VAL C 201 31.20 1.93 13.39
C VAL C 201 30.10 2.94 13.12
N TYR C 202 30.42 4.22 13.19
CA TYR C 202 29.48 5.34 12.94
C TYR C 202 29.93 6.17 11.73
N PHE C 203 28.95 6.55 10.89
CA PHE C 203 29.08 7.43 9.71
C PHE C 203 28.72 8.85 10.13
N MET C 204 29.67 9.76 9.90
CA MET C 204 29.71 11.14 10.45
C MET C 204 29.34 12.11 9.34
N ALA C 205 28.50 13.09 9.66
CA ALA C 205 28.16 14.23 8.78
C ALA C 205 28.01 15.49 9.61
N SER C 206 28.29 16.65 9.00
CA SER C 206 28.26 17.97 9.68
C SER C 206 26.93 18.68 9.45
N ILE C 207 26.48 19.32 10.52
CA ILE C 207 25.33 20.24 10.52
C ILE C 207 25.87 21.54 11.12
N PRO C 208 25.48 22.73 10.62
CA PRO C 208 25.96 23.98 11.19
C PRO C 208 25.46 24.15 12.62
N GLY C 209 26.25 24.82 13.45
CA GLY C 209 25.92 25.12 14.84
C GLY C 209 27.19 25.34 15.64
N PRO C 210 27.20 26.25 16.62
CA PRO C 210 28.33 26.36 17.55
C PRO C 210 28.33 25.19 18.55
N ASN C 211 29.44 24.99 19.24
CA ASN C 211 29.55 24.08 20.40
C ASN C 211 30.67 24.57 21.32
N GLN C 212 30.83 23.94 22.48
CA GLN C 212 31.65 24.49 23.59
C GLN C 212 33.14 24.48 23.23
N SER C 213 33.60 23.59 22.35
CA SER C 213 35.02 23.40 21.99
C SER C 213 35.38 24.14 20.70
N GLY C 214 34.40 24.69 19.98
CA GLY C 214 34.64 25.38 18.69
C GLY C 214 35.22 24.40 17.69
N SER C 215 34.55 23.22 17.59
CA SER C 215 34.97 21.99 16.86
C SER C 215 33.90 21.60 15.85
N PRO C 216 34.26 20.74 14.88
CA PRO C 216 33.28 20.25 13.91
C PRO C 216 32.03 19.70 14.60
N ASN C 217 30.90 20.10 14.06
CA ASN C 217 29.57 19.79 14.59
C ASN C 217 29.05 18.52 13.90
N LEU C 218 29.54 17.34 14.32
CA LEU C 218 29.40 16.05 13.59
C LEU C 218 28.27 15.19 14.17
N VAL C 219 27.31 14.74 13.33
CA VAL C 219 26.24 13.76 13.68
C VAL C 219 26.63 12.36 13.22
N PRO C 220 26.67 11.37 14.15
CA PRO C 220 26.91 9.97 13.81
C PRO C 220 25.58 9.26 13.50
N CYS C 221 25.59 8.35 12.54
CA CYS C 221 24.51 7.36 12.28
C CYS C 221 25.09 5.93 12.12
N LEU C 222 24.22 4.92 12.05
CA LEU C 222 24.60 3.49 12.01
C LEU C 222 24.82 3.04 10.55
N LEU C 223 24.17 3.67 9.58
CA LEU C 223 24.09 3.21 8.17
C LEU C 223 23.87 4.38 7.24
N PRO C 224 24.56 4.44 6.08
CA PRO C 224 24.23 5.40 5.06
C PRO C 224 22.76 5.22 4.67
N GLN C 225 22.02 6.30 4.42
CA GLN C 225 20.58 6.21 4.07
C GLN C 225 20.40 5.29 2.85
N GLU C 226 21.29 5.38 1.87
CA GLU C 226 21.07 4.63 0.60
C GLU C 226 21.12 3.12 0.87
N TYR C 227 21.88 2.65 1.85
CA TYR C 227 21.86 1.24 2.30
C TYR C 227 20.44 0.85 2.71
N ILE C 228 19.79 1.73 3.51
CA ILE C 228 18.46 1.47 4.13
C ILE C 228 17.44 1.35 3.01
N THR C 229 17.44 2.30 2.05
CA THR C 229 16.50 2.31 0.91
C THR C 229 16.67 1.03 0.09
N HIS C 230 17.90 0.64 -0.18
CA HIS C 230 18.24 -0.67 -0.80
C HIS C 230 17.54 -1.80 -0.04
N PHE C 231 17.76 -1.87 1.26
CA PHE C 231 17.23 -3.00 2.06
C PHE C 231 15.71 -3.02 1.97
N ILE C 232 15.08 -1.82 1.98
CA ILE C 232 13.60 -1.70 1.94
C ILE C 232 13.06 -2.27 0.63
N SER C 233 13.61 -1.85 -0.50
CA SER C 233 13.28 -2.39 -1.84
C SER C 233 13.59 -3.89 -1.91
N GLU C 234 14.80 -4.31 -1.51
CA GLU C 234 15.35 -5.68 -1.75
C GLU C 234 14.67 -6.73 -0.85
N GLN C 235 14.60 -6.47 0.46
CA GLN C 235 14.03 -7.40 1.48
C GLN C 235 14.72 -8.77 1.35
N ALA C 236 16.05 -8.80 1.33
CA ALA C 236 16.84 -10.06 1.22
C ALA C 236 16.72 -10.84 2.52
N PRO C 237 16.28 -12.12 2.51
CA PRO C 237 16.18 -12.87 3.76
C PRO C 237 17.52 -12.97 4.52
N ILE C 238 17.46 -12.83 5.84
CA ILE C 238 18.63 -13.03 6.75
C ILE C 238 18.91 -14.54 6.76
N GLN C 239 20.15 -14.95 6.49
CA GLN C 239 20.56 -16.38 6.39
C GLN C 239 21.80 -16.62 7.26
N GLY C 240 22.00 -15.75 8.25
CA GLY C 240 23.07 -15.88 9.26
C GLY C 240 22.80 -15.00 10.47
N GLU C 241 23.71 -15.06 11.45
CA GLU C 241 23.60 -14.28 12.70
C GLU C 241 24.23 -12.90 12.47
N ALA C 242 25.01 -12.77 11.41
CA ALA C 242 25.64 -11.51 10.97
C ALA C 242 26.07 -11.65 9.50
N ALA C 243 26.12 -10.55 8.75
CA ALA C 243 26.63 -10.48 7.37
C ALA C 243 28.09 -10.01 7.41
N LEU C 244 29.00 -10.85 6.94
CA LEU C 244 30.43 -10.46 6.80
C LEU C 244 30.54 -9.54 5.59
N LEU C 245 31.28 -8.43 5.74
CA LEU C 245 31.43 -7.35 4.74
C LEU C 245 32.91 -7.03 4.62
N HIS C 246 33.34 -6.69 3.41
CA HIS C 246 34.69 -6.14 3.13
C HIS C 246 34.50 -4.70 2.71
N TYR C 247 35.35 -3.81 3.22
CA TYR C 247 35.51 -2.43 2.71
C TYR C 247 36.61 -2.45 1.64
N VAL C 248 36.18 -2.54 0.38
CA VAL C 248 37.03 -2.78 -0.82
C VAL C 248 37.40 -1.45 -1.48
N ASP C 249 38.68 -1.25 -1.86
CA ASP C 249 39.10 -0.17 -2.81
C ASP C 249 38.65 -0.62 -4.20
N PRO C 250 37.74 0.11 -4.89
CA PRO C 250 37.12 -0.42 -6.10
C PRO C 250 38.03 -0.37 -7.32
N ASP C 251 39.20 0.28 -7.21
CA ASP C 251 40.21 0.43 -8.30
C ASP C 251 41.20 -0.75 -8.28
N THR C 252 41.68 -1.18 -7.10
CA THR C 252 42.66 -2.30 -6.95
C THR C 252 41.96 -3.60 -6.55
N ASN C 253 40.70 -3.56 -6.08
CA ASN C 253 39.88 -4.74 -5.69
C ASN C 253 40.35 -5.31 -4.33
N ARG C 254 41.24 -4.59 -3.64
CA ARG C 254 41.90 -5.03 -2.39
C ARG C 254 40.97 -4.75 -1.20
N ASN C 255 40.85 -5.71 -0.28
CA ASN C 255 40.08 -5.55 1.00
C ASN C 255 40.89 -4.69 1.97
N LEU C 256 40.32 -3.56 2.45
CA LEU C 256 40.96 -2.62 3.40
C LEU C 256 40.53 -2.98 4.85
N GLY C 257 39.49 -3.79 5.03
CA GLY C 257 38.92 -4.07 6.37
C GLY C 257 37.77 -5.05 6.31
N GLU C 258 37.74 -6.00 7.25
CA GLU C 258 36.60 -6.91 7.53
C GLU C 258 35.67 -6.24 8.54
N PHE C 259 34.35 -6.33 8.30
CA PHE C 259 33.30 -5.75 9.17
C PHE C 259 32.14 -6.73 9.28
N LYS C 260 31.44 -6.74 10.41
CA LYS C 260 30.17 -7.48 10.53
C LYS C 260 29.03 -6.46 10.52
N LEU C 261 28.06 -6.69 9.65
CA LEU C 261 26.77 -5.99 9.60
C LEU C 261 25.74 -6.95 10.19
N TYR C 262 25.30 -6.66 11.41
CA TYR C 262 24.34 -7.48 12.17
C TYR C 262 22.94 -7.31 11.59
N PRO C 263 22.05 -8.31 11.76
CA PRO C 263 20.69 -8.24 11.23
C PRO C 263 19.92 -6.99 11.69
N GLY C 264 20.21 -6.48 12.89
CA GLY C 264 19.57 -5.29 13.50
C GLY C 264 19.99 -3.97 12.84
N GLY C 265 20.95 -3.97 11.92
CA GLY C 265 21.29 -2.82 11.05
C GLY C 265 22.36 -1.92 11.64
N TYR C 266 23.39 -2.49 12.26
CA TYR C 266 24.60 -1.74 12.70
C TYR C 266 25.82 -2.55 12.29
N LEU C 267 26.92 -1.83 12.09
CA LEU C 267 28.19 -2.35 11.54
C LEU C 267 29.21 -2.28 12.67
N THR C 268 30.01 -3.36 12.83
CA THR C 268 31.10 -3.43 13.82
C THR C 268 32.41 -3.81 13.15
N CYS C 269 33.49 -3.48 13.83
CA CYS C 269 34.86 -3.89 13.45
C CYS C 269 35.68 -4.12 14.72
N VAL C 270 36.86 -4.70 14.53
CA VAL C 270 37.90 -4.77 15.59
C VAL C 270 38.98 -3.77 15.25
N PRO C 271 39.18 -2.73 16.07
CA PRO C 271 40.24 -1.76 15.86
C PRO C 271 41.62 -2.33 16.22
N ASN C 272 42.64 -1.96 15.44
CA ASN C 272 44.00 -2.55 15.49
C ASN C 272 44.75 -2.04 16.73
N SER C 273 44.06 -1.25 17.56
CA SER C 273 44.62 -0.44 18.67
C SER C 273 43.62 0.68 18.95
N SER C 274 43.92 1.57 19.91
CA SER C 274 43.11 2.80 20.14
C SER C 274 43.68 3.95 19.27
N SER C 275 44.99 3.95 19.01
CA SER C 275 45.68 4.85 18.04
C SER C 275 45.13 4.65 16.62
N THR C 276 44.28 3.63 16.43
CA THR C 276 43.92 3.07 15.10
C THR C 276 42.43 2.70 15.08
N GLY C 277 41.88 2.57 13.88
CA GLY C 277 40.51 2.08 13.63
C GLY C 277 39.96 2.65 12.33
N PRO C 278 38.69 2.38 12.00
CA PRO C 278 38.12 2.83 10.73
C PRO C 278 38.18 4.35 10.48
N GLN C 279 38.60 5.12 11.49
CA GLN C 279 38.83 6.59 11.37
C GLN C 279 39.89 6.89 10.31
N GLN C 280 40.89 6.01 10.12
CA GLN C 280 42.04 6.22 9.20
C GLN C 280 41.76 5.65 7.81
N LEU C 281 40.66 4.94 7.62
CA LEU C 281 40.27 4.38 6.29
C LEU C 281 39.90 5.51 5.33
N PRO C 282 40.20 5.39 4.03
CA PRO C 282 39.77 6.39 3.07
C PRO C 282 38.25 6.31 2.90
N LEU C 283 37.66 7.38 2.35
CA LEU C 283 36.18 7.56 2.24
C LEU C 283 35.68 7.03 0.90
N ASP C 284 36.57 6.63 0.00
CA ASP C 284 36.19 6.25 -1.38
C ASP C 284 36.18 4.71 -1.51
N GLY C 285 36.19 3.98 -0.41
CA GLY C 285 35.99 2.52 -0.44
C GLY C 285 34.53 2.15 -0.67
N VAL C 286 34.28 0.88 -1.02
CA VAL C 286 32.92 0.31 -1.23
C VAL C 286 32.74 -0.88 -0.27
N PHE C 287 31.65 -0.93 0.50
CA PHE C 287 31.30 -2.13 1.30
C PHE C 287 30.68 -3.16 0.35
N VAL C 288 31.12 -4.43 0.47
CA VAL C 288 30.66 -5.58 -0.36
C VAL C 288 30.39 -6.77 0.54
N PHE C 289 29.26 -7.43 0.32
CA PHE C 289 28.88 -8.66 1.07
C PHE C 289 29.86 -9.76 0.70
N ALA C 290 30.46 -10.42 1.70
CA ALA C 290 31.24 -11.68 1.55
C ALA C 290 30.31 -12.89 1.74
N SER C 291 29.86 -13.13 2.97
CA SER C 291 29.17 -14.37 3.38
C SER C 291 28.47 -14.12 4.70
N TRP C 292 27.53 -14.99 5.06
CA TRP C 292 26.85 -15.06 6.37
C TRP C 292 27.74 -15.84 7.35
N VAL C 293 28.04 -15.26 8.52
CA VAL C 293 28.90 -15.86 9.58
C VAL C 293 28.08 -15.93 10.87
N SER C 294 28.51 -16.68 11.88
CA SER C 294 27.90 -16.65 13.24
C SER C 294 28.51 -15.49 14.02
N ARG C 295 27.95 -15.14 15.19
CA ARG C 295 28.44 -14.03 16.06
C ARG C 295 29.78 -14.39 16.70
N PHE C 296 30.10 -15.69 16.80
CA PHE C 296 31.42 -16.21 17.25
C PHE C 296 32.50 -15.59 16.35
N TYR C 297 32.21 -15.40 15.05
CA TYR C 297 33.17 -15.10 13.96
C TYR C 297 34.12 -13.98 14.37
N GLN C 298 35.43 -14.21 14.28
CA GLN C 298 36.45 -13.23 14.73
C GLN C 298 36.96 -12.48 13.50
N LEU C 299 37.00 -11.16 13.60
CA LEU C 299 37.39 -10.22 12.51
C LEU C 299 38.88 -9.92 12.59
N LYS C 300 39.52 -9.69 11.44
CA LYS C 300 40.90 -9.13 11.36
C LYS C 300 40.84 -7.69 11.83
N PRO C 301 41.57 -7.30 12.90
CA PRO C 301 41.77 -5.90 13.22
C PRO C 301 41.90 -4.98 11.99
N VAL C 302 41.25 -3.82 12.03
CA VAL C 302 41.28 -2.76 10.98
C VAL C 302 42.42 -1.78 11.31
N GLY C 303 43.37 -1.62 10.38
CA GLY C 303 44.42 -0.59 10.39
C GLY C 303 45.81 -1.16 10.59
N THR D 1 7.09 -30.62 5.30
CA THR D 1 5.71 -30.18 5.72
C THR D 1 5.46 -28.74 5.24
N ARG D 2 4.22 -28.41 4.90
CA ARG D 2 3.87 -27.07 4.34
C ARG D 2 4.09 -26.00 5.40
N PRO D 3 5.00 -25.02 5.16
CA PRO D 3 5.17 -23.94 6.11
C PRO D 3 3.87 -23.13 6.22
N PHE D 4 3.59 -22.66 7.44
CA PHE D 4 2.36 -21.92 7.78
C PHE D 4 2.47 -20.53 7.15
N THR D 5 1.41 -20.09 6.48
CA THR D 5 1.30 -18.73 5.90
C THR D 5 -0.10 -18.15 6.09
N VAL D 6 -0.18 -16.83 5.95
CA VAL D 6 -1.45 -16.04 5.92
C VAL D 6 -1.51 -15.28 4.60
N PRO D 7 -2.67 -15.17 3.89
CA PRO D 7 -2.70 -14.48 2.60
C PRO D 7 -2.01 -13.10 2.61
N ASN D 8 -1.30 -12.79 1.51
CA ASN D 8 -0.51 -11.54 1.28
C ASN D 8 -1.44 -10.46 0.71
N ILE D 9 -2.46 -10.10 1.46
CA ILE D 9 -3.51 -9.13 1.03
C ILE D 9 -3.80 -8.18 2.19
N PRO D 10 -3.86 -6.86 1.92
CA PRO D 10 -4.19 -5.89 2.97
C PRO D 10 -5.58 -6.20 3.55
N LEU D 11 -5.70 -5.97 4.85
CA LEU D 11 -6.94 -6.25 5.63
C LEU D 11 -8.18 -5.65 4.93
N LYS D 12 -8.08 -4.42 4.39
CA LYS D 12 -9.24 -3.65 3.89
C LYS D 12 -9.89 -4.36 2.71
N TYR D 13 -9.19 -5.27 2.00
CA TYR D 13 -9.72 -5.97 0.80
C TYR D 13 -10.48 -7.24 1.16
N LEU D 14 -10.63 -7.54 2.46
CA LEU D 14 -11.05 -8.89 2.92
C LEU D 14 -12.42 -8.82 3.57
N SER D 15 -13.04 -9.99 3.72
CA SER D 15 -14.43 -10.17 4.17
C SER D 15 -14.47 -10.51 5.65
N ASN D 16 -15.49 -10.02 6.34
CA ASN D 16 -15.95 -10.55 7.66
C ASN D 16 -16.34 -12.02 7.47
N SER D 17 -16.18 -12.86 8.49
CA SER D 17 -16.45 -14.31 8.44
C SER D 17 -17.77 -14.68 9.09
N ARG D 18 -18.58 -13.68 9.48
CA ARG D 18 -19.94 -13.91 9.99
C ARG D 18 -20.99 -13.28 9.07
N ILE D 19 -20.65 -12.16 8.43
CA ILE D 19 -21.51 -11.54 7.39
C ILE D 19 -20.64 -11.35 6.16
N PRO D 20 -21.17 -11.52 4.95
CA PRO D 20 -20.38 -11.36 3.71
C PRO D 20 -20.14 -9.90 3.30
N ASN D 21 -19.42 -9.15 4.13
CA ASN D 21 -19.26 -7.70 3.99
C ASN D 21 -17.82 -7.32 4.34
N PRO D 22 -17.27 -6.28 3.69
CA PRO D 22 -15.88 -5.89 3.87
C PRO D 22 -15.54 -5.56 5.32
N ILE D 23 -14.36 -5.97 5.77
CA ILE D 23 -13.78 -5.56 7.07
C ILE D 23 -13.56 -4.03 7.08
N GLU D 24 -14.11 -3.34 8.06
CA GLU D 24 -14.00 -1.87 8.18
C GLU D 24 -13.05 -1.49 9.32
N GLY D 25 -12.70 -2.43 10.20
CA GLY D 25 -12.02 -2.06 11.46
C GLY D 25 -11.66 -3.25 12.31
N MET D 26 -10.66 -3.04 13.17
CA MET D 26 -10.35 -3.94 14.31
C MET D 26 -10.84 -3.29 15.61
N SER D 27 -11.34 -4.11 16.51
CA SER D 27 -12.01 -3.72 17.77
C SER D 27 -11.78 -4.80 18.84
N LEU D 28 -11.82 -4.38 20.10
CA LEU D 28 -11.92 -5.24 21.30
C LEU D 28 -13.39 -5.38 21.63
N SER D 29 -13.70 -6.36 22.46
CA SER D 29 -15.06 -6.63 22.97
C SER D 29 -15.44 -5.61 24.07
N PRO D 30 -16.76 -5.44 24.27
CA PRO D 30 -17.29 -4.43 25.20
C PRO D 30 -16.67 -4.47 26.59
N ASP D 31 -16.62 -5.68 27.16
CA ASP D 31 -15.71 -6.10 28.22
C ASP D 31 -14.60 -6.83 27.47
N GLN D 32 -13.35 -6.39 27.60
CA GLN D 32 -12.28 -6.87 26.69
C GLN D 32 -11.82 -8.24 27.20
N THR D 33 -12.33 -8.72 28.32
CA THR D 33 -12.04 -10.10 28.78
C THR D 33 -13.23 -11.04 28.52
N GLN D 34 -14.27 -10.63 27.80
CA GLN D 34 -15.51 -11.45 27.69
C GLN D 34 -15.30 -12.58 26.70
N ASN D 35 -16.02 -13.67 26.90
CA ASN D 35 -15.88 -14.86 26.04
C ASN D 35 -16.81 -14.65 24.83
N VAL D 36 -16.52 -15.31 23.70
CA VAL D 36 -17.45 -15.40 22.54
C VAL D 36 -17.68 -16.87 22.17
N GLN D 37 -18.81 -17.17 21.53
CA GLN D 37 -19.08 -18.53 20.99
C GLN D 37 -19.76 -18.42 19.62
N PHE D 38 -19.20 -17.58 18.74
CA PHE D 38 -19.55 -17.51 17.29
C PHE D 38 -19.47 -18.92 16.71
N GLN D 39 -20.43 -19.29 15.86
CA GLN D 39 -20.47 -20.59 15.15
C GLN D 39 -19.94 -20.46 13.71
N ASN D 40 -19.98 -19.23 13.15
CA ASN D 40 -19.38 -18.86 11.84
C ASN D 40 -18.06 -18.15 12.08
N GLY D 41 -17.11 -18.35 11.16
CA GLY D 41 -15.78 -17.76 11.26
C GLY D 41 -14.95 -18.50 12.29
N ARG D 42 -15.11 -19.83 12.35
CA ARG D 42 -14.46 -20.71 13.35
C ARG D 42 -13.70 -21.82 12.61
N CYS D 43 -12.39 -21.82 12.71
CA CYS D 43 -11.55 -22.72 11.89
C CYS D 43 -10.19 -22.86 12.55
N THR D 44 -9.68 -24.09 12.72
CA THR D 44 -8.33 -24.28 13.29
C THR D 44 -7.32 -23.78 12.25
N ILE D 45 -6.14 -23.34 12.67
CA ILE D 45 -5.19 -22.74 11.70
C ILE D 45 -4.59 -23.85 10.79
N ASP D 46 -4.87 -25.13 11.06
CA ASP D 46 -4.52 -26.25 10.13
C ASP D 46 -5.75 -26.66 9.31
N GLY D 47 -6.81 -25.86 9.32
CA GLY D 47 -7.83 -25.88 8.27
C GLY D 47 -8.98 -26.81 8.57
N GLN D 48 -9.37 -26.94 9.83
CA GLN D 48 -10.62 -27.65 10.22
C GLN D 48 -11.71 -26.63 10.55
N PRO D 49 -12.76 -26.53 9.72
CA PRO D 49 -13.86 -25.62 10.03
C PRO D 49 -14.65 -26.21 11.20
N LEU D 50 -15.06 -25.32 12.11
CA LEU D 50 -15.85 -25.64 13.33
C LEU D 50 -17.23 -24.99 13.20
N GLY D 51 -18.20 -25.46 13.98
CA GLY D 51 -19.52 -24.80 14.07
C GLY D 51 -20.26 -24.94 12.76
N THR D 52 -20.76 -23.83 12.19
CA THR D 52 -21.49 -23.79 10.90
C THR D 52 -20.62 -23.19 9.79
N THR D 53 -19.37 -22.84 10.14
CA THR D 53 -18.44 -22.06 9.30
C THR D 53 -18.36 -22.67 7.92
N PRO D 54 -18.77 -21.95 6.88
CA PRO D 54 -18.61 -22.43 5.52
C PRO D 54 -17.22 -22.10 4.98
N VAL D 55 -16.91 -22.65 3.81
CA VAL D 55 -15.64 -22.40 3.09
C VAL D 55 -15.66 -20.99 2.46
N SER D 56 -16.74 -20.62 1.79
CA SER D 56 -16.81 -19.42 0.90
C SER D 56 -17.70 -18.33 1.51
N VAL D 57 -17.35 -17.07 1.20
CA VAL D 57 -18.18 -15.87 1.49
C VAL D 57 -19.54 -16.09 0.83
N SER D 58 -19.62 -16.78 -0.30
CA SER D 58 -20.85 -17.01 -1.10
C SER D 58 -21.87 -17.85 -0.31
N GLN D 59 -21.40 -18.61 0.69
CA GLN D 59 -22.26 -19.51 1.49
C GLN D 59 -22.50 -18.95 2.90
N LEU D 60 -22.14 -17.69 3.15
CA LEU D 60 -22.04 -17.12 4.51
C LEU D 60 -23.28 -16.29 4.82
N CYS D 61 -23.88 -16.58 5.97
CA CYS D 61 -25.04 -15.86 6.50
C CYS D 61 -26.19 -16.07 5.53
N LYS D 62 -26.40 -17.32 5.13
CA LYS D 62 -27.42 -17.71 4.14
C LYS D 62 -28.18 -18.91 4.65
N PHE D 63 -29.37 -19.14 4.11
CA PHE D 63 -30.18 -20.33 4.46
C PHE D 63 -30.96 -20.74 3.23
N ARG D 64 -31.41 -21.97 3.27
CA ARG D 64 -32.29 -22.54 2.22
C ARG D 64 -33.22 -23.55 2.88
N GLY D 65 -34.45 -23.64 2.38
CA GLY D 65 -35.32 -24.74 2.83
C GLY D 65 -36.60 -24.74 2.06
N ARG D 66 -37.46 -25.71 2.38
CA ARG D 66 -38.80 -25.87 1.77
C ARG D 66 -39.84 -25.28 2.73
N ILE D 67 -40.79 -24.53 2.20
CA ILE D 67 -41.97 -24.08 2.98
C ILE D 67 -43.22 -24.47 2.20
N THR D 68 -44.28 -24.89 2.91
CA THR D 68 -45.60 -25.20 2.27
C THR D 68 -46.35 -23.88 2.15
N SER D 69 -47.14 -23.71 1.08
CA SER D 69 -47.92 -22.48 0.76
C SER D 69 -48.79 -22.06 1.96
N GLY D 70 -48.95 -20.75 2.20
CA GLY D 70 -49.74 -20.22 3.33
C GLY D 70 -49.12 -20.41 4.73
N GLN D 71 -48.05 -21.21 4.91
CA GLN D 71 -47.49 -21.52 6.25
C GLN D 71 -46.27 -20.64 6.58
N ARG D 72 -45.69 -20.82 7.78
CA ARG D 72 -44.59 -19.98 8.34
C ARG D 72 -43.34 -20.81 8.61
N VAL D 73 -43.39 -22.13 8.45
CA VAL D 73 -42.29 -23.05 8.88
C VAL D 73 -41.36 -23.31 7.69
N LEU D 74 -40.11 -22.82 7.80
CA LEU D 74 -39.10 -23.01 6.74
C LEU D 74 -38.24 -24.22 7.08
N ASN D 75 -38.48 -25.35 6.43
CA ASN D 75 -37.80 -26.65 6.77
C ASN D 75 -36.42 -26.66 6.12
N LEU D 76 -35.35 -26.53 6.90
CA LEU D 76 -34.00 -26.19 6.37
C LEU D 76 -33.32 -27.38 5.64
N THR D 77 -32.55 -27.05 4.59
CA THR D 77 -31.61 -27.97 3.94
C THR D 77 -30.20 -27.35 4.00
N GLU D 78 -29.21 -28.00 3.41
CA GLU D 78 -27.93 -27.34 3.03
C GLU D 78 -28.24 -26.40 1.84
N LEU D 79 -27.31 -25.49 1.51
CA LEU D 79 -27.51 -24.41 0.49
C LEU D 79 -27.53 -25.02 -0.92
N ASP D 80 -26.98 -26.22 -1.09
CA ASP D 80 -27.13 -27.04 -2.34
C ASP D 80 -28.49 -27.77 -2.37
N GLY D 81 -29.26 -27.74 -1.29
CA GLY D 81 -30.57 -28.41 -1.22
C GLY D 81 -30.48 -29.85 -0.73
N SER D 82 -29.29 -30.37 -0.44
CA SER D 82 -29.12 -31.74 0.10
C SER D 82 -29.55 -31.75 1.57
N PRO D 83 -29.86 -32.92 2.19
CA PRO D 83 -30.35 -32.94 3.57
C PRO D 83 -29.31 -32.44 4.59
N PHE D 84 -29.82 -31.75 5.63
CA PHE D 84 -29.06 -31.30 6.81
C PHE D 84 -29.04 -32.44 7.83
N MET D 85 -27.85 -32.86 8.28
CA MET D 85 -27.63 -33.92 9.28
C MET D 85 -27.23 -33.26 10.62
N ALA D 86 -28.14 -33.19 11.59
CA ALA D 86 -27.92 -32.53 12.90
C ALA D 86 -26.79 -33.25 13.67
N PHE D 87 -26.43 -34.47 13.24
CA PHE D 87 -25.28 -35.28 13.75
C PHE D 87 -24.01 -34.41 13.78
N ALA D 88 -23.68 -33.72 12.68
CA ALA D 88 -22.37 -33.06 12.47
C ALA D 88 -22.34 -31.64 13.06
N ALA D 89 -23.42 -30.88 12.95
CA ALA D 89 -23.41 -29.40 13.04
C ALA D 89 -24.62 -28.87 13.81
N PRO D 90 -24.47 -27.72 14.52
CA PRO D 90 -25.60 -26.99 15.09
C PRO D 90 -26.73 -26.62 14.11
N ALA D 91 -26.36 -26.33 12.85
CA ALA D 91 -27.27 -25.84 11.79
C ALA D 91 -26.63 -26.14 10.44
N PRO D 92 -27.31 -25.89 9.31
CA PRO D 92 -26.67 -25.98 8.00
C PRO D 92 -25.45 -25.06 7.94
N ALA D 93 -24.41 -25.48 7.21
CA ALA D 93 -23.21 -24.68 6.89
C ALA D 93 -23.64 -23.33 6.31
N GLY D 94 -23.06 -22.24 6.82
CA GLY D 94 -23.38 -20.86 6.42
C GLY D 94 -24.55 -20.26 7.19
N PHE D 95 -25.31 -21.05 7.94
CA PHE D 95 -26.54 -20.55 8.63
C PHE D 95 -26.12 -19.39 9.54
N PRO D 96 -26.87 -18.26 9.57
CA PRO D 96 -26.45 -17.08 10.33
C PRO D 96 -26.34 -17.36 11.83
N ASP D 97 -25.36 -16.72 12.47
CA ASP D 97 -25.09 -16.88 13.92
C ASP D 97 -25.18 -15.51 14.61
N LEU D 98 -25.99 -14.59 14.08
CA LEU D 98 -26.22 -13.25 14.67
C LEU D 98 -27.26 -13.35 15.80
N GLY D 99 -26.81 -13.52 17.04
CA GLY D 99 -27.70 -13.54 18.23
C GLY D 99 -28.19 -12.15 18.62
N SER D 100 -29.19 -12.06 19.48
CA SER D 100 -29.61 -10.77 20.11
C SER D 100 -29.90 -9.73 19.04
N CYS D 101 -30.72 -10.11 18.04
CA CYS D 101 -31.38 -9.16 17.10
C CYS D 101 -32.57 -9.85 16.43
N ASP D 102 -33.46 -9.09 15.81
CA ASP D 102 -34.40 -9.67 14.82
C ASP D 102 -33.65 -9.73 13.49
N TRP D 103 -34.02 -10.67 12.64
CA TRP D 103 -33.51 -10.82 11.25
C TRP D 103 -34.62 -10.41 10.28
N HIS D 104 -34.38 -9.44 9.44
CA HIS D 104 -35.30 -9.08 8.33
C HIS D 104 -34.68 -9.65 7.06
N ILE D 105 -35.29 -10.71 6.52
CA ILE D 105 -34.67 -11.64 5.54
C ILE D 105 -35.26 -11.31 4.18
N GLU D 106 -34.55 -11.71 3.15
CA GLU D 106 -35.02 -11.70 1.75
C GLU D 106 -34.66 -13.08 1.20
N MET D 107 -35.51 -13.58 0.32
CA MET D 107 -35.39 -14.95 -0.22
C MET D 107 -36.21 -15.05 -1.52
N SER D 108 -35.84 -16.02 -2.34
CA SER D 108 -36.45 -16.28 -3.66
C SER D 108 -36.46 -17.78 -3.88
N LYS D 109 -37.41 -18.24 -4.69
CA LYS D 109 -37.48 -19.64 -5.15
C LYS D 109 -36.26 -19.95 -6.03
N ILE D 110 -35.61 -21.06 -5.72
CA ILE D 110 -34.49 -21.64 -6.52
C ILE D 110 -34.95 -23.04 -6.90
N PRO D 111 -34.86 -23.45 -8.19
CA PRO D 111 -34.39 -22.57 -9.28
C PRO D 111 -35.46 -21.62 -9.81
N ASN D 112 -35.08 -20.59 -10.57
CA ASN D 112 -36.08 -19.70 -11.22
C ASN D 112 -36.93 -20.54 -12.19
N SER D 113 -38.24 -20.30 -12.22
CA SER D 113 -39.19 -20.81 -13.24
C SER D 113 -40.07 -19.69 -13.80
N SER D 114 -39.82 -18.44 -13.39
CA SER D 114 -40.74 -17.28 -13.63
C SER D 114 -40.40 -16.59 -14.95
N THR D 115 -41.43 -16.03 -15.57
CA THR D 115 -41.33 -15.24 -16.82
C THR D 115 -41.59 -13.77 -16.52
N GLN D 116 -42.17 -13.48 -15.36
CA GLN D 116 -42.57 -12.11 -14.92
C GLN D 116 -42.48 -12.00 -13.39
N ASN D 117 -42.72 -10.79 -12.87
CA ASN D 117 -42.96 -10.53 -11.43
C ASN D 117 -41.59 -10.42 -10.74
N ASN D 118 -41.59 -9.72 -9.61
CA ASN D 118 -40.46 -9.63 -8.65
C ASN D 118 -40.44 -10.94 -7.87
N PRO D 119 -39.34 -11.72 -7.96
CA PRO D 119 -39.23 -12.97 -7.20
C PRO D 119 -38.91 -12.84 -5.71
N ILE D 120 -38.48 -11.68 -5.23
CA ILE D 120 -37.97 -11.54 -3.85
C ILE D 120 -39.14 -11.54 -2.88
N VAL D 121 -39.11 -12.44 -1.90
CA VAL D 121 -40.05 -12.45 -0.74
C VAL D 121 -39.30 -11.90 0.48
N THR D 122 -39.94 -10.95 1.14
CA THR D 122 -39.57 -10.24 2.38
C THR D 122 -40.18 -10.98 3.59
N ASN D 123 -39.47 -11.02 4.70
CA ASN D 123 -40.01 -11.62 5.95
C ASN D 123 -39.04 -11.34 7.09
N SER D 124 -39.31 -11.94 8.24
CA SER D 124 -38.69 -11.55 9.52
C SER D 124 -38.63 -12.83 10.36
N VAL D 125 -37.56 -12.97 11.14
CA VAL D 125 -37.38 -14.09 12.13
C VAL D 125 -36.95 -13.48 13.46
N LYS D 126 -37.52 -13.96 14.55
CA LYS D 126 -37.07 -13.67 15.93
C LYS D 126 -36.30 -14.90 16.40
N PRO D 127 -34.95 -14.88 16.39
CA PRO D 127 -34.17 -16.03 16.84
C PRO D 127 -34.36 -16.40 18.33
N ASN D 128 -35.09 -15.60 19.13
CA ASN D 128 -35.35 -15.90 20.58
C ASN D 128 -36.76 -16.45 20.79
N SER D 129 -37.57 -16.53 19.72
CA SER D 129 -38.93 -17.12 19.73
C SER D 129 -38.80 -18.63 19.94
N GLN D 130 -39.92 -19.28 20.31
CA GLN D 130 -39.97 -20.70 20.74
C GLN D 130 -39.53 -21.60 19.57
N GLN D 131 -40.10 -21.36 18.38
CA GLN D 131 -39.94 -22.23 17.18
C GLN D 131 -38.79 -21.71 16.29
N PHE D 132 -37.73 -21.16 16.91
CA PHE D 132 -36.41 -20.95 16.25
C PHE D 132 -35.48 -22.12 16.61
N VAL D 133 -35.69 -23.25 15.95
CA VAL D 133 -34.98 -24.55 16.22
C VAL D 133 -34.28 -25.04 14.94
N PRO D 134 -33.25 -24.32 14.40
CA PRO D 134 -32.56 -24.76 13.19
C PRO D 134 -31.78 -26.08 13.37
N HIS D 135 -31.35 -26.38 14.60
CA HIS D 135 -30.72 -27.69 14.98
C HIS D 135 -31.74 -28.82 14.85
N LEU D 136 -33.04 -28.52 14.92
CA LEU D 136 -34.15 -29.48 14.65
C LEU D 136 -34.65 -29.29 13.21
N SER D 137 -33.88 -28.55 12.38
CA SER D 137 -34.02 -28.44 10.91
C SER D 137 -35.13 -27.48 10.49
N SER D 138 -35.55 -26.53 11.33
CA SER D 138 -36.63 -25.59 10.93
C SER D 138 -36.57 -24.30 11.73
N ILE D 139 -37.04 -23.21 11.11
CA ILE D 139 -37.31 -21.91 11.77
C ILE D 139 -38.70 -21.45 11.33
N THR D 140 -39.34 -20.67 12.20
CA THR D 140 -40.68 -20.08 12.00
C THR D 140 -40.49 -18.61 11.66
N LEU D 141 -41.00 -18.23 10.50
CA LEU D 141 -40.94 -16.83 10.00
C LEU D 141 -42.11 -16.06 10.64
N ASP D 142 -42.07 -14.73 10.60
CA ASP D 142 -43.08 -13.85 11.23
C ASP D 142 -44.35 -13.77 10.39
N GLU D 143 -44.21 -13.72 9.06
CA GLU D 143 -45.36 -13.57 8.12
C GLU D 143 -45.50 -14.87 7.31
N ASN D 144 -46.75 -15.26 7.02
CA ASN D 144 -47.06 -16.37 6.07
C ASN D 144 -46.35 -16.16 4.73
N VAL D 145 -45.86 -17.24 4.14
CA VAL D 145 -45.35 -17.26 2.73
C VAL D 145 -46.45 -17.90 1.86
N SER D 146 -47.02 -17.13 0.91
CA SER D 146 -48.21 -17.48 0.09
C SER D 146 -47.88 -18.60 -0.90
N SER D 147 -46.76 -18.46 -1.62
CA SER D 147 -46.28 -19.38 -2.66
C SER D 147 -45.20 -20.33 -2.10
N GLY D 148 -45.55 -21.60 -1.86
CA GLY D 148 -44.68 -22.63 -1.27
C GLY D 148 -43.64 -23.10 -2.27
N GLY D 149 -42.52 -23.65 -1.80
CA GLY D 149 -41.44 -24.15 -2.67
C GLY D 149 -40.09 -24.13 -1.97
N ASP D 150 -39.02 -24.29 -2.75
CA ASP D 150 -37.63 -24.38 -2.26
C ASP D 150 -37.09 -22.94 -2.26
N TYR D 151 -36.80 -22.36 -1.09
CA TYR D 151 -36.29 -20.97 -1.01
C TYR D 151 -34.86 -20.91 -0.46
N ILE D 152 -34.08 -19.97 -1.01
CA ILE D 152 -32.70 -19.62 -0.56
C ILE D 152 -32.66 -18.11 -0.30
N GLY D 153 -31.92 -17.67 0.72
CA GLY D 153 -31.98 -16.25 1.11
C GLY D 153 -30.96 -15.88 2.16
N THR D 154 -31.03 -14.64 2.62
CA THR D 154 -30.01 -14.08 3.53
C THR D 154 -30.68 -13.14 4.53
N ILE D 155 -29.89 -12.60 5.46
CA ILE D 155 -30.31 -11.48 6.33
C ILE D 155 -30.11 -10.20 5.51
N GLN D 156 -31.20 -9.47 5.22
CA GLN D 156 -31.18 -8.17 4.51
C GLN D 156 -30.80 -7.06 5.51
N TRP D 157 -31.42 -7.04 6.71
CA TRP D 157 -31.13 -6.05 7.77
C TRP D 157 -31.48 -6.62 9.16
N THR D 158 -30.88 -6.02 10.20
CA THR D 158 -31.08 -6.42 11.61
C THR D 158 -31.81 -5.30 12.34
N SER D 159 -32.37 -5.60 13.50
CA SER D 159 -32.95 -4.58 14.42
C SER D 159 -32.83 -5.16 15.82
N PRO D 160 -32.94 -4.33 16.88
CA PRO D 160 -32.86 -4.85 18.25
C PRO D 160 -33.87 -5.99 18.39
N PRO D 161 -33.58 -7.01 19.24
CA PRO D 161 -34.45 -8.17 19.34
C PRO D 161 -35.80 -7.83 19.98
N SER D 162 -36.86 -8.38 19.40
CA SER D 162 -38.25 -8.40 19.90
C SER D 162 -38.33 -9.25 21.16
N ASP D 163 -39.34 -8.98 22.00
CA ASP D 163 -39.71 -9.84 23.15
C ASP D 163 -38.49 -10.03 24.05
N SER D 164 -37.76 -8.95 24.35
CA SER D 164 -36.42 -8.96 24.98
C SER D 164 -36.27 -7.90 26.08
N GLY D 165 -37.37 -7.30 26.54
CA GLY D 165 -37.33 -6.18 27.50
C GLY D 165 -36.62 -4.99 26.91
N GLY D 166 -36.70 -4.83 25.57
CA GLY D 166 -36.14 -3.69 24.82
C GLY D 166 -34.62 -3.67 24.85
N ALA D 167 -34.01 -4.85 24.99
CA ALA D 167 -32.55 -5.05 24.89
C ALA D 167 -32.08 -4.51 23.53
N ASN D 168 -30.80 -4.12 23.44
CA ASN D 168 -30.24 -3.59 22.17
C ASN D 168 -29.85 -4.78 21.30
N THR D 169 -29.56 -4.50 20.03
CA THR D 169 -28.70 -5.38 19.20
C THR D 169 -27.40 -5.69 19.96
N ASN D 170 -27.05 -6.97 20.12
CA ASN D 170 -25.76 -7.42 20.70
C ASN D 170 -25.15 -8.54 19.82
N PHE D 171 -24.32 -8.14 18.86
CA PHE D 171 -23.65 -9.02 17.87
C PHE D 171 -22.51 -9.83 18.50
N TRP D 172 -22.21 -9.63 19.79
CA TRP D 172 -21.21 -10.42 20.54
C TRP D 172 -21.83 -11.74 20.97
N LYS D 173 -23.11 -11.93 20.67
CA LYS D 173 -23.88 -13.11 21.12
C LYS D 173 -24.35 -13.90 19.91
N ILE D 174 -24.72 -15.16 20.15
CA ILE D 174 -25.23 -16.12 19.13
C ILE D 174 -26.65 -16.50 19.52
N PRO D 175 -27.48 -16.96 18.56
CA PRO D 175 -28.81 -17.46 18.89
C PRO D 175 -28.75 -18.79 19.64
N ASP D 176 -29.91 -19.18 20.17
CA ASP D 176 -30.22 -20.52 20.70
C ASP D 176 -30.70 -21.34 19.50
N TYR D 177 -29.98 -22.44 19.20
CA TYR D 177 -30.20 -23.28 18.00
C TYR D 177 -31.30 -24.32 18.29
N GLY D 178 -31.56 -24.62 19.57
CA GLY D 178 -32.55 -25.64 19.96
C GLY D 178 -32.05 -27.06 19.79
N SER D 179 -32.97 -28.03 19.79
CA SER D 179 -32.77 -29.50 20.03
C SER D 179 -32.67 -29.76 21.54
N GLN D 186 -22.78 -29.74 20.93
CA GLN D 186 -23.03 -29.62 19.47
C GLN D 186 -22.30 -28.38 18.89
N LEU D 187 -22.39 -27.23 19.56
CA LEU D 187 -21.83 -25.91 19.11
C LEU D 187 -20.31 -25.99 19.09
N ALA D 188 -19.65 -25.13 18.31
CA ALA D 188 -18.20 -24.86 18.47
C ALA D 188 -17.98 -24.30 19.86
N PRO D 189 -16.85 -24.60 20.54
CA PRO D 189 -16.59 -24.15 21.89
C PRO D 189 -16.47 -22.62 22.04
N ALA D 190 -16.80 -22.11 23.23
CA ALA D 190 -16.57 -20.72 23.65
C ALA D 190 -15.06 -20.42 23.57
N VAL D 191 -14.69 -19.20 23.25
CA VAL D 191 -13.28 -18.73 23.19
C VAL D 191 -13.08 -17.69 24.29
N TYR D 192 -12.03 -17.87 25.09
CA TYR D 192 -11.63 -17.00 26.22
C TYR D 192 -10.27 -16.37 25.97
N PRO D 193 -10.05 -15.10 26.38
CA PRO D 193 -8.72 -14.52 26.47
C PRO D 193 -7.81 -15.53 27.17
N PRO D 194 -6.67 -15.87 26.58
CA PRO D 194 -5.86 -16.96 27.08
C PRO D 194 -4.97 -16.61 28.29
N GLY D 195 -4.87 -15.33 28.67
CA GLY D 195 -4.06 -14.90 29.84
C GLY D 195 -2.93 -13.96 29.42
N PHE D 196 -2.05 -13.60 30.37
CA PHE D 196 -0.82 -12.80 30.13
C PHE D 196 -1.17 -11.46 29.48
N ASN D 197 -2.25 -10.82 29.95
CA ASN D 197 -2.69 -9.44 29.56
C ASN D 197 -3.20 -9.44 28.11
N GLU D 198 -3.49 -10.61 27.54
CA GLU D 198 -3.88 -10.71 26.12
C GLU D 198 -5.37 -10.54 25.98
N VAL D 199 -5.76 -9.84 24.91
CA VAL D 199 -7.17 -9.67 24.50
C VAL D 199 -7.32 -10.21 23.09
N ILE D 200 -8.50 -10.76 22.81
CA ILE D 200 -8.94 -11.29 21.49
C ILE D 200 -9.22 -10.09 20.59
N VAL D 201 -8.74 -10.13 19.35
CA VAL D 201 -8.95 -9.05 18.36
C VAL D 201 -10.07 -9.47 17.41
N TYR D 202 -10.97 -8.53 17.13
CA TYR D 202 -12.19 -8.78 16.36
C TYR D 202 -12.10 -7.93 15.10
N PHE D 203 -12.62 -8.48 14.01
CA PHE D 203 -12.66 -7.81 12.70
C PHE D 203 -14.10 -7.45 12.40
N MET D 204 -14.33 -6.16 12.16
CA MET D 204 -15.70 -5.56 12.18
C MET D 204 -16.15 -5.30 10.74
N ALA D 205 -17.42 -5.58 10.44
CA ALA D 205 -18.07 -5.21 9.16
C ALA D 205 -19.51 -4.72 9.44
N SER D 206 -20.05 -3.85 8.59
CA SER D 206 -21.40 -3.29 8.75
C SER D 206 -22.43 -4.20 8.08
N ILE D 207 -23.55 -4.42 8.73
CA ILE D 207 -24.80 -4.93 8.09
C ILE D 207 -25.88 -3.87 8.31
N PRO D 208 -26.78 -3.61 7.34
CA PRO D 208 -27.81 -2.59 7.52
C PRO D 208 -28.74 -2.95 8.69
N GLY D 209 -29.20 -1.91 9.37
CA GLY D 209 -30.25 -1.99 10.39
C GLY D 209 -30.04 -0.95 11.47
N PRO D 210 -31.15 -0.58 12.15
CA PRO D 210 -31.08 0.33 13.30
C PRO D 210 -30.51 -0.31 14.55
N ASN D 211 -29.87 0.50 15.39
CA ASN D 211 -29.61 0.16 16.81
C ASN D 211 -30.08 1.33 17.69
N GLN D 212 -30.19 1.10 19.00
CA GLN D 212 -30.71 2.13 19.96
C GLN D 212 -29.76 3.34 19.98
N SER D 213 -28.48 3.17 19.65
CA SER D 213 -27.47 4.25 19.71
C SER D 213 -27.44 5.08 18.41
N GLY D 214 -28.21 4.69 17.39
CA GLY D 214 -28.16 5.38 16.08
C GLY D 214 -26.73 5.53 15.57
N SER D 215 -25.95 4.44 15.74
CA SER D 215 -24.50 4.35 15.47
C SER D 215 -24.20 3.15 14.56
N PRO D 216 -22.95 3.04 14.04
CA PRO D 216 -22.63 2.01 13.06
C PRO D 216 -23.05 0.63 13.57
N ASN D 217 -23.78 -0.09 12.72
CA ASN D 217 -24.29 -1.46 12.99
C ASN D 217 -23.21 -2.48 12.57
N LEU D 218 -22.31 -2.85 13.49
CA LEU D 218 -21.02 -3.55 13.21
C LEU D 218 -21.04 -4.96 13.80
N VAL D 219 -20.73 -5.98 12.99
CA VAL D 219 -20.62 -7.41 13.43
C VAL D 219 -19.15 -7.73 13.60
N PRO D 220 -18.75 -8.32 14.76
CA PRO D 220 -17.39 -8.81 14.98
C PRO D 220 -17.21 -10.26 14.51
N CYS D 221 -16.00 -10.62 14.11
CA CYS D 221 -15.61 -12.03 13.83
C CYS D 221 -14.15 -12.19 14.22
N LEU D 222 -13.73 -13.45 14.34
CA LEU D 222 -12.39 -13.85 14.84
C LEU D 222 -11.35 -13.73 13.72
N LEU D 223 -11.73 -14.02 12.47
CA LEU D 223 -10.77 -14.03 11.33
C LEU D 223 -11.43 -13.54 10.05
N PRO D 224 -10.68 -12.87 9.14
CA PRO D 224 -11.10 -12.67 7.75
C PRO D 224 -11.47 -13.99 7.11
N GLN D 225 -12.53 -14.02 6.31
CA GLN D 225 -12.99 -15.30 5.72
C GLN D 225 -11.87 -15.81 4.80
N GLU D 226 -11.20 -14.92 4.06
CA GLU D 226 -10.15 -15.36 3.13
C GLU D 226 -9.00 -16.04 3.91
N TYR D 227 -8.81 -15.73 5.21
CA TYR D 227 -7.85 -16.47 6.08
C TYR D 227 -8.39 -17.89 6.27
N ILE D 228 -9.67 -18.03 6.57
CA ILE D 228 -10.24 -19.39 6.80
C ILE D 228 -10.07 -20.22 5.53
N THR D 229 -10.48 -19.70 4.36
CA THR D 229 -10.43 -20.43 3.06
C THR D 229 -9.00 -20.92 2.77
N HIS D 230 -8.03 -20.04 3.02
CA HIS D 230 -6.59 -20.32 2.89
C HIS D 230 -6.23 -21.53 3.77
N PHE D 231 -6.55 -21.50 5.07
CA PHE D 231 -6.20 -22.61 6.00
C PHE D 231 -6.88 -23.90 5.55
N ILE D 232 -8.14 -23.83 5.12
CA ILE D 232 -8.85 -25.05 4.60
C ILE D 232 -8.07 -25.66 3.44
N SER D 233 -7.62 -24.86 2.48
CA SER D 233 -6.82 -25.31 1.32
C SER D 233 -5.46 -25.81 1.79
N GLU D 234 -4.70 -24.99 2.53
CA GLU D 234 -3.27 -25.24 2.83
C GLU D 234 -3.09 -26.43 3.78
N GLN D 235 -3.89 -26.51 4.84
CA GLN D 235 -3.82 -27.54 5.89
C GLN D 235 -2.39 -27.58 6.44
N ALA D 236 -1.79 -26.41 6.70
CA ALA D 236 -0.43 -26.28 7.26
C ALA D 236 -0.39 -26.92 8.65
N PRO D 237 0.49 -27.91 8.89
CA PRO D 237 0.51 -28.54 10.20
C PRO D 237 0.97 -27.51 11.24
N ILE D 238 0.39 -27.61 12.43
CA ILE D 238 0.68 -26.69 13.57
C ILE D 238 1.95 -27.19 14.23
N GLN D 239 2.90 -26.30 14.49
CA GLN D 239 4.24 -26.69 15.01
C GLN D 239 4.61 -25.88 16.25
N GLY D 240 3.60 -25.32 16.94
CA GLY D 240 3.72 -24.75 18.30
C GLY D 240 2.37 -24.35 18.89
N GLU D 241 2.38 -23.68 20.05
CA GLU D 241 1.16 -23.36 20.83
C GLU D 241 0.53 -22.07 20.31
N ALA D 242 1.30 -21.23 19.62
CA ALA D 242 0.78 -20.00 18.96
C ALA D 242 1.69 -19.64 17.79
N ALA D 243 1.08 -19.12 16.73
CA ALA D 243 1.79 -18.50 15.59
C ALA D 243 1.92 -17.00 15.84
N LEU D 244 3.14 -16.53 16.13
CA LEU D 244 3.44 -15.09 16.26
C LEU D 244 3.25 -14.48 14.87
N LEU D 245 2.40 -13.45 14.79
CA LEU D 245 2.10 -12.67 13.58
C LEU D 245 2.65 -11.27 13.78
N HIS D 246 3.07 -10.60 12.69
CA HIS D 246 3.27 -9.13 12.66
C HIS D 246 2.19 -8.53 11.76
N TYR D 247 1.62 -7.40 12.15
CA TYR D 247 0.81 -6.54 11.26
C TYR D 247 1.76 -5.56 10.57
N VAL D 248 1.93 -5.69 9.25
CA VAL D 248 3.05 -5.08 8.50
C VAL D 248 2.50 -4.07 7.51
N ASP D 249 3.09 -2.89 7.50
CA ASP D 249 2.81 -1.81 6.52
C ASP D 249 3.52 -2.16 5.22
N PRO D 250 2.82 -2.66 4.18
CA PRO D 250 3.49 -3.23 3.02
C PRO D 250 4.32 -2.23 2.18
N ASP D 251 3.96 -0.94 2.23
CA ASP D 251 4.75 0.13 1.59
C ASP D 251 6.19 0.08 2.12
N THR D 252 6.37 0.22 3.44
CA THR D 252 7.69 0.51 4.05
C THR D 252 8.29 -0.75 4.72
N ASN D 253 7.51 -1.82 4.85
CA ASN D 253 7.80 -3.07 5.64
C ASN D 253 7.87 -2.80 7.15
N ARG D 254 7.31 -1.71 7.64
CA ARG D 254 7.26 -1.43 9.11
C ARG D 254 6.39 -2.48 9.79
N ASN D 255 6.87 -3.01 10.92
CA ASN D 255 6.06 -3.82 11.88
C ASN D 255 5.21 -2.85 12.70
N LEU D 256 3.89 -2.96 12.56
CA LEU D 256 2.94 -2.04 13.23
C LEU D 256 2.40 -2.65 14.51
N GLY D 257 2.78 -3.89 14.80
CA GLY D 257 2.23 -4.60 15.97
C GLY D 257 2.45 -6.10 15.90
N GLU D 258 2.54 -6.72 17.08
CA GLU D 258 2.80 -8.15 17.34
C GLU D 258 1.50 -8.78 17.84
N PHE D 259 1.09 -9.92 17.28
CA PHE D 259 -0.11 -10.70 17.63
C PHE D 259 0.23 -12.20 17.78
N LYS D 260 -0.52 -12.92 18.62
CA LYS D 260 -0.46 -14.40 18.68
C LYS D 260 -1.77 -14.95 18.10
N LEU D 261 -1.63 -15.82 17.11
CA LEU D 261 -2.75 -16.55 16.47
C LEU D 261 -2.73 -17.96 17.06
N TYR D 262 -3.73 -18.29 17.85
CA TYR D 262 -3.89 -19.60 18.54
C TYR D 262 -4.45 -20.62 17.55
N PRO D 263 -4.00 -21.89 17.72
CA PRO D 263 -4.49 -23.03 16.95
C PRO D 263 -6.01 -23.12 16.72
N GLY D 264 -6.79 -22.80 17.76
CA GLY D 264 -8.27 -22.78 17.77
C GLY D 264 -8.90 -21.71 16.87
N GLY D 265 -8.15 -20.76 16.31
CA GLY D 265 -8.67 -19.87 15.24
C GLY D 265 -8.88 -18.42 15.66
N TYR D 266 -8.12 -17.92 16.63
CA TYR D 266 -8.37 -16.57 17.19
C TYR D 266 -7.04 -15.86 17.35
N LEU D 267 -7.10 -14.54 17.21
CA LEU D 267 -5.93 -13.62 17.22
C LEU D 267 -5.97 -12.80 18.51
N THR D 268 -4.83 -12.63 19.16
CA THR D 268 -4.74 -11.77 20.37
C THR D 268 -3.59 -10.78 20.23
N CYS D 269 -3.67 -9.70 21.01
CA CYS D 269 -2.55 -8.79 21.33
C CYS D 269 -2.67 -8.38 22.79
N VAL D 270 -1.66 -7.63 23.24
CA VAL D 270 -1.65 -6.92 24.55
C VAL D 270 -1.75 -5.41 24.26
N PRO D 271 -2.84 -4.73 24.68
CA PRO D 271 -3.00 -3.31 24.40
C PRO D 271 -2.00 -2.50 25.26
N ASN D 272 -1.44 -1.40 24.73
CA ASN D 272 -0.35 -0.63 25.38
C ASN D 272 -0.93 0.24 26.52
N SER D 273 -2.27 0.29 26.62
CA SER D 273 -3.07 1.04 27.63
C SER D 273 -4.54 0.62 27.47
N SER D 274 -5.41 0.92 28.44
CA SER D 274 -6.83 0.45 28.47
C SER D 274 -7.68 1.11 27.36
N SER D 275 -7.29 2.30 26.89
CA SER D 275 -8.06 3.09 25.88
C SER D 275 -7.41 2.99 24.49
N THR D 276 -6.30 2.27 24.37
CA THR D 276 -5.49 2.23 23.13
C THR D 276 -5.54 0.80 22.61
N GLY D 277 -4.98 0.54 21.43
CA GLY D 277 -4.64 -0.82 20.98
C GLY D 277 -4.88 -1.03 19.49
N PRO D 278 -5.37 -2.21 19.08
CA PRO D 278 -5.54 -2.55 17.66
C PRO D 278 -6.60 -1.73 16.90
N GLN D 279 -7.56 -1.14 17.62
CA GLN D 279 -8.56 -0.17 17.06
C GLN D 279 -7.86 1.02 16.38
N GLN D 280 -6.64 1.39 16.80
CA GLN D 280 -5.88 2.55 16.26
C GLN D 280 -5.11 2.19 14.95
N LEU D 281 -4.92 0.91 14.62
CA LEU D 281 -4.03 0.52 13.46
C LEU D 281 -4.75 0.78 12.14
N PRO D 282 -4.01 1.09 11.06
CA PRO D 282 -4.65 1.29 9.75
C PRO D 282 -5.24 -0.03 9.27
N LEU D 283 -6.15 0.02 8.30
CA LEU D 283 -6.77 -1.20 7.71
C LEU D 283 -6.01 -1.63 6.42
N ASP D 284 -4.86 -1.06 6.13
CA ASP D 284 -4.16 -1.38 4.86
C ASP D 284 -2.84 -2.10 5.18
N GLY D 285 -2.73 -2.66 6.38
CA GLY D 285 -1.63 -3.56 6.75
C GLY D 285 -1.96 -4.97 6.32
N VAL D 286 -0.91 -5.83 6.31
CA VAL D 286 -0.96 -7.27 5.97
C VAL D 286 -0.51 -8.06 7.20
N PHE D 287 -1.24 -9.11 7.59
CA PHE D 287 -0.75 -10.04 8.65
C PHE D 287 0.31 -10.98 8.06
N VAL D 288 1.48 -11.07 8.71
CA VAL D 288 2.59 -11.95 8.26
C VAL D 288 2.96 -12.91 9.40
N PHE D 289 3.01 -14.21 9.08
CA PHE D 289 3.59 -15.28 9.96
C PHE D 289 5.08 -15.00 10.16
N ALA D 290 5.50 -14.87 11.42
CA ALA D 290 6.92 -14.70 11.82
C ALA D 290 7.45 -16.05 12.34
N SER D 291 6.85 -16.66 13.35
CA SER D 291 7.45 -17.88 13.98
C SER D 291 6.44 -18.62 14.86
N TRP D 292 6.69 -19.90 15.17
CA TRP D 292 5.93 -20.70 16.17
C TRP D 292 6.49 -20.44 17.56
N VAL D 293 5.62 -20.08 18.52
CA VAL D 293 6.08 -19.78 19.91
C VAL D 293 5.26 -20.56 20.93
N SER D 294 5.74 -20.60 22.18
CA SER D 294 4.99 -21.20 23.31
C SER D 294 3.83 -20.27 23.62
N ARG D 295 2.79 -20.76 24.30
CA ARG D 295 1.64 -19.95 24.76
C ARG D 295 2.12 -18.88 25.75
N PHE D 296 3.27 -19.09 26.40
CA PHE D 296 3.89 -18.15 27.38
C PHE D 296 4.63 -16.97 26.72
N TYR D 297 4.77 -16.95 25.39
CA TYR D 297 5.42 -15.81 24.69
C TYR D 297 4.69 -14.51 25.06
N GLN D 298 5.45 -13.54 25.57
CA GLN D 298 4.93 -12.26 26.12
C GLN D 298 5.04 -11.17 25.04
N LEU D 299 3.91 -10.77 24.48
CA LEU D 299 3.82 -9.82 23.33
C LEU D 299 4.24 -8.40 23.73
N LYS D 300 4.99 -7.74 22.84
CA LYS D 300 5.17 -6.28 22.72
C LYS D 300 3.78 -5.63 22.67
N PRO D 301 3.42 -4.71 23.60
CA PRO D 301 2.11 -4.09 23.56
C PRO D 301 1.91 -3.27 22.27
N VAL D 302 0.70 -3.34 21.71
CA VAL D 302 0.23 -2.60 20.50
C VAL D 302 -0.53 -1.33 20.93
N GLY D 303 -0.29 -0.23 20.23
CA GLY D 303 -1.03 1.05 20.39
C GLY D 303 -0.19 2.13 21.07
N THR D 304 -0.72 3.35 21.15
CA THR D 304 -0.06 4.51 21.80
C THR D 304 -0.01 4.26 23.31
N ALA D 305 1.12 4.60 23.94
CA ALA D 305 1.36 4.44 25.39
C ALA D 305 0.42 5.36 26.18
N GLY D 306 0.20 5.06 27.47
CA GLY D 306 -0.46 5.94 28.44
C GLY D 306 0.53 6.87 29.14
N PRO D 307 0.02 7.92 29.85
CA PRO D 307 0.87 8.97 30.43
C PRO D 307 1.94 8.51 31.45
N ALA D 308 1.54 7.90 32.57
CA ALA D 308 2.42 7.46 33.69
C ALA D 308 2.35 5.94 33.84
#